data_9UYL
#
_entry.id   9UYL
#
_cell.length_a   1.00
_cell.length_b   1.00
_cell.length_c   1.00
_cell.angle_alpha   90.00
_cell.angle_beta   90.00
_cell.angle_gamma   90.00
#
_symmetry.space_group_name_H-M   'P 1'
#
loop_
_entity.id
_entity.type
_entity.pdbx_description
1 polymer 'Chemerin-like receptor 2,Vasopressin V2 receptor'
2 polymer 'Retinoic acid receptor responder protein 2'
3 polymer Beta-arrestin-1
4 polymer 'Nanobody 32'
5 polymer 'Single-chain fragment variable 30 (scFv30)'
#
loop_
_entity_poly.entity_id
_entity_poly.type
_entity_poly.pdbx_seq_one_letter_code
_entity_poly.pdbx_strand_id
1 'polypeptide(L)'
;WSHPQFEKGSGAGASAGSWSHPQFEKGSDYKDDDDKEFLEVLFQGPEDLEETLFEEFENYSYDLDYYSLESDLEEKVQLG
VVHWVSLVLYCLAFVLGIPGNAIVIWFTGFKWKKTVTTLWFLNLAIADFIFLLFLPLYISYVAMNFHWPFGIWLCKANSF
TAQLNMFASVFFLTVISLDHYIHLIHPVLSHRHRTLKNSLIVIIFIWLLASLIGGPALYFRDTVEFNNHTLCYNNFQKHD
PDLTLIRHHVLTWVKFIIGYLFPLLTMSICYLCLIFKVKKRSILISSRHFWTILVVVVAFVVCWTPYHLFSIWELTIHHN
SYSHHVMQAGIPLSTGLAFLNSCLNPILYVLISKKFQARFRSSVAEIARGRTPPSLGPQDE(SEP)C(TPO)(TPO)A
(SEP)(SEP)(SEP)LAKDTSS
;
R
2 'polypeptide(L)'
;MKTIIALSYIFCLVFAELTEAQRRGLQVALEEFHKHPPVQWAFQETSVESAVDTPFPAGIFVRLEFKLQQTSCRKRDWKK
PECKVRPNGRKRKCLACIKLGSEDKVLGRLVHCPIETQVLREAEEHQETQCLRVQRAGEDPHSFYFPGQFAFS
;
L
3 'polypeptide(L)'
;MGDKGTRVFKKASPNGKLTVYLGKRDFVDHIDLVDPVDGVVLVDPEYLKERRVYVTLTAAFRYGREDLDVLGLTFRKDLF
VANVQSFPPAPEDKKPLTRLQERLIKKLGEHAYPFTFEIPPNLPSSVTLQPGPEDTGKAIGVDYEVKAFVAENLEEKIHK
RNSVRLVIEKVQYAPERPGPQPTAETTRQFLMSDKPLHLEASLDKEIYYHGEPISVNVHVTNNTNKTVKKIKISVRQYAD
IVLFNTAQYKVPVAMEEADDTVAPSSTFSKVYTLTPFLANNREKRGLALDGKLKHEDTNLASSTLLREGANREILGIIVS
YKVKVKLVVSRGGLLGDLASSDVAVELPFTLMHPKPKEEPPHREVPENETPVDTNL
;
A
4 'polypeptide(L)'
;QVQLQESGGGLVQAGGSLRLSCVVSGFFFDTVTMAWYRRAPGKHRELVASATAGGTTTYADSVKDRFTISRDNAKNTVYL
QMNSLKPEDTAVYYCNTFVRSLSWGQGTQVTVSSHHHHHH
;
B
5 'polypeptide(L)'
;SDIQMTQSPSSLSASVGDRVTITCRASQSVSSAVAWYQQKPGKAPKLLIYSASSLYSGVPSRFSGSRSGTDFTLTISSLQ
PEDFATYYCQQYKYVPVTFGQGTKVEIKGTTAASGSSGGSSSGAEVQLVESGGGLVQPGGSLRLSCAASGFNVYSSSIHW
VRQAPGKGLEWVASISSYYGYTYYADSVKGRFTISADTSKNTAYLQMNSLRAEDTAVYYCARSRQFWYSGLDYWGQGTLV
TVSSA
;
C
#
# COMPACT_ATOMS: atom_id res chain seq x y z
N LEU A 87 -9.30 47.61 29.09
CA LEU A 87 -7.96 47.70 29.63
C LEU A 87 -7.42 46.33 30.00
N VAL A 88 -8.16 45.61 30.84
CA VAL A 88 -7.76 44.26 31.24
C VAL A 88 -7.87 43.24 30.13
N LEU A 89 -8.47 43.62 28.99
CA LEU A 89 -8.61 42.70 27.87
C LEU A 89 -7.26 42.25 27.35
N TYR A 90 -6.30 43.18 27.23
CA TYR A 90 -4.98 42.81 26.75
C TYR A 90 -4.26 41.89 27.74
N CYS A 91 -4.40 42.16 29.04
CA CYS A 91 -3.79 41.30 30.04
C CYS A 91 -4.38 39.90 29.99
N LEU A 92 -5.71 39.79 29.85
CA LEU A 92 -6.33 38.48 29.71
C LEU A 92 -5.87 37.79 28.43
N ALA A 93 -5.70 38.56 27.35
CA ALA A 93 -5.21 38.01 26.09
C ALA A 93 -3.83 37.40 26.28
N PHE A 94 -2.93 38.13 26.92
CA PHE A 94 -1.59 37.58 27.16
C PHE A 94 -1.62 36.37 28.08
N VAL A 95 -2.45 36.42 29.13
CA VAL A 95 -2.51 35.32 30.10
C VAL A 95 -3.05 34.06 29.45
N LEU A 96 -3.97 34.22 28.50
CA LEU A 96 -4.52 33.04 27.81
C LEU A 96 -3.65 32.63 26.63
N GLY A 97 -2.86 33.55 26.09
CA GLY A 97 -2.02 33.27 24.94
C GLY A 97 -0.72 32.56 25.26
N ILE A 98 -0.06 32.93 26.36
CA ILE A 98 1.20 32.30 26.71
C ILE A 98 1.06 30.79 26.90
N PRO A 99 -0.07 30.24 27.46
CA PRO A 99 -0.23 28.78 27.43
C PRO A 99 -0.27 28.24 26.00
N GLY A 100 -0.90 28.99 25.10
CA GLY A 100 -0.92 28.57 23.70
C GLY A 100 0.45 28.60 23.05
N ASN A 101 1.23 29.64 23.35
CA ASN A 101 2.58 29.75 22.84
C ASN A 101 3.43 28.60 23.34
N ALA A 102 3.26 28.23 24.61
CA ALA A 102 3.97 27.08 25.16
C ALA A 102 3.51 25.78 24.51
N ILE A 103 2.21 25.65 24.27
CA ILE A 103 1.65 24.40 23.75
C ILE A 103 2.01 24.22 22.28
N VAL A 104 2.34 25.32 21.60
CA VAL A 104 2.78 25.25 20.21
C VAL A 104 3.98 24.33 20.12
N ILE A 105 4.98 24.58 20.99
CA ILE A 105 6.10 23.70 21.27
C ILE A 105 6.60 22.92 20.05
N TRP A 106 7.09 23.64 19.04
CA TRP A 106 7.71 23.00 17.88
C TRP A 106 6.74 22.05 17.19
N PHE A 107 5.68 22.60 16.60
CA PHE A 107 4.55 21.85 16.05
C PHE A 107 4.10 20.73 16.99
N THR A 108 3.65 21.11 18.19
CA THR A 108 3.08 20.21 19.19
C THR A 108 4.08 19.16 19.66
N GLY A 109 5.15 19.60 20.33
CA GLY A 109 6.02 18.71 21.07
C GLY A 109 7.10 18.00 20.29
N PHE A 110 7.25 18.33 19.01
CA PHE A 110 8.32 17.76 18.17
C PHE A 110 8.31 16.24 18.21
N LYS A 111 7.13 15.63 18.25
CA LYS A 111 7.02 14.18 18.33
C LYS A 111 6.15 13.62 17.21
N TRP A 112 5.09 14.35 16.87
CA TRP A 112 4.20 13.91 15.81
C TRP A 112 4.76 14.29 14.45
N LYS A 113 4.45 13.49 13.43
CA LYS A 113 5.01 13.64 12.10
C LYS A 113 4.72 15.00 11.50
N LYS A 114 5.53 15.41 10.52
CA LYS A 114 5.39 16.72 9.87
C LYS A 114 4.27 16.68 8.83
N THR A 115 3.05 16.46 9.32
CA THR A 115 1.89 16.44 8.46
C THR A 115 1.54 17.86 8.01
N VAL A 116 0.85 17.96 6.87
CA VAL A 116 0.43 19.26 6.36
C VAL A 116 -0.46 19.98 7.37
N THR A 117 -1.29 19.22 8.11
CA THR A 117 -2.05 19.82 9.19
C THR A 117 -1.13 20.41 10.25
N THR A 118 -0.08 19.67 10.61
CA THR A 118 0.93 20.20 11.51
C THR A 118 1.67 21.38 10.90
N LEU A 119 1.82 21.38 9.56
CA LEU A 119 2.47 22.51 8.90
C LEU A 119 1.64 23.78 9.06
N TRP A 120 0.33 23.71 8.83
CA TRP A 120 -0.52 24.87 9.02
C TRP A 120 -0.62 25.24 10.50
N PHE A 121 -0.60 24.26 11.39
CA PHE A 121 -0.58 24.56 12.82
C PHE A 121 0.67 25.34 13.19
N LEU A 122 1.82 24.93 12.67
CA LEU A 122 3.06 25.67 12.93
C LEU A 122 3.03 27.06 12.30
N ASN A 123 2.41 27.19 11.12
CA ASN A 123 2.30 28.50 10.49
C ASN A 123 1.47 29.45 11.35
N LEU A 124 0.31 28.99 11.81
CA LEU A 124 -0.51 29.84 12.67
C LEU A 124 0.15 30.08 14.02
N ALA A 125 0.91 29.11 14.51
CA ALA A 125 1.67 29.32 15.75
C ALA A 125 2.71 30.41 15.59
N ILE A 126 3.42 30.41 14.46
CA ILE A 126 4.39 31.46 14.19
C ILE A 126 3.67 32.81 14.08
N ALA A 127 2.54 32.84 13.39
CA ALA A 127 1.81 34.09 13.20
C ALA A 127 1.35 34.68 14.53
N ASP A 128 0.67 33.88 15.35
CA ASP A 128 0.15 34.44 16.59
C ASP A 128 1.24 34.60 17.65
N PHE A 129 2.38 33.91 17.51
CA PHE A 129 3.52 34.20 18.38
C PHE A 129 4.16 35.54 18.03
N ILE A 130 4.29 35.83 16.73
CA ILE A 130 4.76 37.15 16.32
C ILE A 130 3.79 38.23 16.78
N PHE A 131 2.50 37.94 16.74
CA PHE A 131 1.50 38.87 17.28
C PHE A 131 1.66 39.03 18.78
N LEU A 132 1.89 37.92 19.50
CA LEU A 132 1.97 37.94 20.96
C LEU A 132 3.27 38.56 21.45
N LEU A 133 4.27 38.70 20.59
CA LEU A 133 5.54 39.28 21.02
C LEU A 133 5.42 40.75 21.40
N PHE A 134 4.31 41.40 21.09
CA PHE A 134 4.20 42.85 21.27
C PHE A 134 2.94 43.23 22.06
N LEU A 135 2.55 42.40 23.01
CA LEU A 135 1.53 42.84 23.97
C LEU A 135 1.96 44.02 24.83
N PRO A 136 3.18 44.08 25.39
CA PRO A 136 3.55 45.28 26.16
C PRO A 136 3.47 46.57 25.37
N LEU A 137 3.83 46.54 24.08
CA LEU A 137 3.76 47.75 23.27
C LEU A 137 2.32 48.24 23.13
N TYR A 138 1.40 47.35 22.79
CA TYR A 138 0.00 47.76 22.64
C TYR A 138 -0.62 48.13 23.98
N ILE A 139 -0.18 47.48 25.06
CA ILE A 139 -0.67 47.84 26.39
C ILE A 139 -0.25 49.26 26.75
N SER A 140 1.02 49.59 26.51
CA SER A 140 1.48 50.95 26.75
C SER A 140 0.86 51.95 25.77
N TYR A 141 0.42 51.48 24.60
CA TYR A 141 -0.17 52.39 23.62
C TYR A 141 -1.45 53.03 24.13
N VAL A 142 -2.30 52.26 24.81
CA VAL A 142 -3.62 52.77 25.19
C VAL A 142 -3.82 52.77 26.70
N ALA A 143 -3.15 51.87 27.42
CA ALA A 143 -3.39 51.73 28.85
C ALA A 143 -2.34 52.44 29.69
N MET A 144 -1.07 52.07 29.51
CA MET A 144 0.02 52.61 30.34
C MET A 144 0.34 54.03 29.88
N ASN A 145 -0.16 55.02 30.61
CA ASN A 145 0.08 56.43 30.35
C ASN A 145 -0.41 56.86 28.97
N PHE A 146 -1.24 56.04 28.33
CA PHE A 146 -1.85 56.31 27.03
C PHE A 146 -0.82 56.47 25.90
N HIS A 147 0.46 56.18 26.17
CA HIS A 147 1.49 56.36 25.16
C HIS A 147 2.69 55.49 25.50
N TRP A 148 3.58 55.29 24.50
CA TRP A 148 4.82 54.55 24.57
C TRP A 148 5.97 55.46 25.00
N PRO A 149 6.97 54.92 25.69
CA PRO A 149 8.07 55.76 26.18
C PRO A 149 9.03 56.17 25.07
N PHE A 150 9.33 55.25 24.14
CA PHE A 150 10.31 55.53 23.10
C PHE A 150 9.81 56.51 22.05
N GLY A 151 8.50 56.67 21.90
CA GLY A 151 7.98 57.66 20.97
C GLY A 151 8.01 57.17 19.53
N ILE A 152 8.41 58.06 18.62
CA ILE A 152 8.35 57.77 17.20
C ILE A 152 9.22 56.57 16.85
N TRP A 153 10.30 56.37 17.62
CA TRP A 153 11.15 55.21 17.39
C TRP A 153 10.39 53.90 17.58
N LEU A 154 9.53 53.83 18.59
CA LEU A 154 8.76 52.63 18.85
C LEU A 154 7.48 52.58 18.01
N CYS A 155 6.58 53.55 18.23
CA CYS A 155 5.18 53.45 17.83
C CYS A 155 5.04 52.84 16.45
N LYS A 156 5.51 53.58 15.44
CA LYS A 156 5.39 53.17 14.05
C LYS A 156 5.80 51.71 13.90
N ALA A 157 7.08 51.42 14.19
CA ALA A 157 7.61 50.08 14.04
C ALA A 157 6.64 49.06 14.62
N ASN A 158 6.31 49.23 15.90
CA ASN A 158 5.45 48.28 16.59
C ASN A 158 4.19 48.08 15.76
N SER A 159 3.44 49.17 15.57
CA SER A 159 2.17 49.10 14.87
C SER A 159 2.41 48.44 13.53
N PHE A 160 3.44 48.93 12.81
CA PHE A 160 3.75 48.38 11.50
C PHE A 160 3.80 46.87 11.56
N THR A 161 4.71 46.33 12.37
CA THR A 161 4.83 44.88 12.46
C THR A 161 3.48 44.26 12.82
N ALA A 162 2.87 44.76 13.90
CA ALA A 162 1.57 44.24 14.30
C ALA A 162 0.62 44.28 13.11
N GLN A 163 0.50 45.47 12.49
CA GLN A 163 -0.45 45.60 11.41
C GLN A 163 -0.23 44.51 10.38
N LEU A 164 1.02 44.35 9.92
CA LEU A 164 1.23 43.39 8.84
C LEU A 164 0.85 41.99 9.28
N ASN A 165 1.34 41.53 10.43
CA ASN A 165 1.06 40.14 10.74
C ASN A 165 -0.39 39.99 11.18
N MET A 166 -1.02 41.09 11.60
CA MET A 166 -2.46 41.04 11.84
C MET A 166 -3.16 40.55 10.59
N PHE A 167 -2.88 41.19 9.46
CA PHE A 167 -3.43 40.68 8.20
C PHE A 167 -3.02 39.24 7.99
N ALA A 168 -1.73 38.94 8.16
CA ALA A 168 -1.28 37.56 8.03
C ALA A 168 -2.12 36.64 8.89
N SER A 169 -2.35 37.03 10.15
CA SER A 169 -3.14 36.19 11.03
C SER A 169 -4.50 35.88 10.42
N VAL A 170 -5.25 36.92 10.03
CA VAL A 170 -6.56 36.66 9.46
C VAL A 170 -6.40 35.93 8.14
N PHE A 171 -5.36 36.28 7.37
CA PHE A 171 -5.09 35.55 6.14
C PHE A 171 -4.85 34.09 6.46
N PHE A 172 -4.05 33.82 7.49
CA PHE A 172 -3.83 32.44 7.91
C PHE A 172 -5.17 31.76 8.18
N LEU A 173 -6.05 32.45 8.90
CA LEU A 173 -7.37 31.88 9.17
C LEU A 173 -8.02 31.43 7.87
N THR A 174 -8.05 32.33 6.88
CA THR A 174 -8.67 31.99 5.61
C THR A 174 -8.08 30.70 5.06
N VAL A 175 -6.74 30.63 4.97
CA VAL A 175 -6.18 29.46 4.31
C VAL A 175 -6.43 28.21 5.16
N ILE A 176 -6.35 28.32 6.49
CA ILE A 176 -6.65 27.13 7.26
C ILE A 176 -8.13 26.81 7.14
N SER A 177 -8.98 27.85 7.10
CA SER A 177 -10.37 27.63 6.75
C SER A 177 -10.49 27.04 5.35
N LEU A 178 -9.67 27.53 4.40
CA LEU A 178 -9.63 26.91 3.09
C LEU A 178 -9.27 25.44 3.19
N ASP A 179 -8.35 25.11 4.10
CA ASP A 179 -8.07 23.70 4.38
C ASP A 179 -9.29 23.02 4.98
N HIS A 180 -9.93 23.66 5.96
CA HIS A 180 -11.04 23.06 6.70
C HIS A 180 -12.17 22.64 5.76
N TYR A 181 -12.28 23.34 4.63
CA TYR A 181 -13.23 22.93 3.60
C TYR A 181 -12.70 21.72 2.83
N ILE A 182 -11.54 21.87 2.21
CA ILE A 182 -11.06 20.93 1.19
C ILE A 182 -10.98 19.51 1.74
N HIS A 183 -10.46 19.38 2.96
CA HIS A 183 -10.30 18.06 3.57
C HIS A 183 -11.63 17.51 4.07
N LEU A 184 -12.56 18.38 4.47
CA LEU A 184 -13.74 17.95 5.21
C LEU A 184 -15.05 17.99 4.41
N ILE A 185 -15.14 18.79 3.34
CA ILE A 185 -16.40 18.85 2.58
C ILE A 185 -16.70 17.49 1.95
N HIS A 186 -15.69 16.88 1.37
CA HIS A 186 -15.75 15.55 0.77
C HIS A 186 -14.32 15.04 0.66
N PRO A 187 -13.79 14.38 1.69
CA PRO A 187 -12.34 14.11 1.74
C PRO A 187 -11.80 13.47 0.48
N VAL A 188 -11.03 14.26 -0.27
CA VAL A 188 -10.38 13.80 -1.50
C VAL A 188 -8.94 14.28 -1.60
N LEU A 189 -8.37 14.82 -0.52
CA LEU A 189 -7.05 15.44 -0.60
C LEU A 189 -5.98 14.36 -0.64
N SER A 190 -5.83 13.73 -1.82
CA SER A 190 -4.72 12.81 -2.04
C SER A 190 -3.76 13.28 -3.13
N HIS A 191 -4.25 13.51 -4.34
CA HIS A 191 -3.45 14.06 -5.43
C HIS A 191 -3.71 15.57 -5.48
N ARG A 192 -3.59 16.23 -4.33
CA ARG A 192 -3.75 17.67 -4.26
C ARG A 192 -3.21 18.23 -2.94
N HIS A 193 -2.20 19.10 -3.02
CA HIS A 193 -1.62 19.77 -1.86
C HIS A 193 -1.34 18.81 -0.71
N ARG A 194 -0.87 17.60 -1.03
CA ARG A 194 -0.62 16.56 -0.04
C ARG A 194 0.86 16.32 0.20
N THR A 195 1.70 17.32 -0.05
CA THR A 195 3.13 17.22 0.17
C THR A 195 3.60 18.35 1.08
N LEU A 196 4.66 18.07 1.84
CA LEU A 196 5.21 19.08 2.75
C LEU A 196 5.78 20.26 1.95
N LYS A 197 6.35 19.97 0.78
CA LYS A 197 6.90 21.04 -0.05
C LYS A 197 5.80 22.00 -0.50
N ASN A 198 4.64 21.46 -0.91
CA ASN A 198 3.54 22.31 -1.35
C ASN A 198 2.93 23.12 -0.21
N SER A 199 3.00 22.62 1.02
CA SER A 199 2.55 23.37 2.19
C SER A 199 3.54 24.46 2.59
N LEU A 200 4.85 24.17 2.53
CA LEU A 200 5.85 25.20 2.78
C LEU A 200 5.78 26.30 1.73
N ILE A 201 5.59 25.93 0.46
CA ILE A 201 5.45 26.93 -0.60
C ILE A 201 4.21 27.78 -0.37
N VAL A 202 3.12 27.13 0.08
CA VAL A 202 1.89 27.88 0.35
C VAL A 202 2.11 28.86 1.50
N ILE A 203 2.79 28.43 2.55
CA ILE A 203 3.06 29.31 3.69
C ILE A 203 3.93 30.48 3.25
N ILE A 204 4.94 30.20 2.42
CA ILE A 204 5.79 31.28 1.90
C ILE A 204 4.98 32.24 1.06
N PHE A 205 4.03 31.71 0.28
CA PHE A 205 3.16 32.57 -0.53
C PHE A 205 2.29 33.48 0.35
N ILE A 206 1.75 32.93 1.44
CA ILE A 206 0.95 33.76 2.34
C ILE A 206 1.81 34.82 3.00
N TRP A 207 3.04 34.46 3.40
CA TRP A 207 3.94 35.46 3.98
C TRP A 207 4.28 36.56 2.96
N LEU A 208 4.51 36.17 1.71
CA LEU A 208 4.79 37.16 0.67
C LEU A 208 3.58 38.06 0.43
N LEU A 209 2.38 37.49 0.47
CA LEU A 209 1.17 38.29 0.31
C LEU A 209 1.01 39.27 1.47
N ALA A 210 1.32 38.82 2.69
CA ALA A 210 1.26 39.72 3.84
C ALA A 210 2.27 40.85 3.69
N SER A 211 3.48 40.54 3.23
CA SER A 211 4.47 41.59 3.00
C SER A 211 4.00 42.55 1.91
N LEU A 212 3.39 42.01 0.84
CA LEU A 212 2.92 42.85 -0.25
C LEU A 212 1.81 43.79 0.19
N ILE A 213 0.89 43.30 1.04
CA ILE A 213 -0.19 44.17 1.51
C ILE A 213 0.32 45.14 2.56
N GLY A 214 1.34 44.78 3.33
CA GLY A 214 1.94 45.73 4.25
C GLY A 214 2.86 46.74 3.59
N GLY A 215 3.26 46.50 2.35
CA GLY A 215 4.08 47.42 1.61
C GLY A 215 3.49 48.81 1.48
N PRO A 216 2.21 48.91 1.09
CA PRO A 216 1.55 50.22 1.16
C PRO A 216 1.57 50.83 2.54
N ALA A 217 1.40 50.01 3.58
CA ALA A 217 1.44 50.52 4.95
C ALA A 217 2.84 50.99 5.36
N LEU A 218 3.87 50.59 4.62
CA LEU A 218 5.22 51.06 4.93
C LEU A 218 5.34 52.56 4.71
N TYR A 219 4.70 53.09 3.68
CA TYR A 219 4.73 54.53 3.42
C TYR A 219 3.65 55.24 4.25
N PHE A 220 3.65 54.97 5.55
CA PHE A 220 2.65 55.49 6.49
C PHE A 220 3.36 55.73 7.82
N ARG A 221 2.58 55.84 8.90
CA ARG A 221 3.03 56.04 10.26
C ARG A 221 3.38 57.51 10.48
N ASP A 222 3.51 57.91 11.74
CA ASP A 222 3.55 59.32 12.12
C ASP A 222 4.91 59.67 12.71
N THR A 223 5.10 60.97 12.95
CA THR A 223 6.40 61.50 13.35
C THR A 223 6.41 62.08 14.77
N VAL A 224 5.53 63.03 15.07
CA VAL A 224 5.57 63.77 16.33
C VAL A 224 4.17 63.82 16.93
N GLU A 225 4.04 64.56 18.03
CA GLU A 225 2.73 64.78 18.63
C GLU A 225 2.82 66.06 19.47
N PHE A 226 2.12 67.11 19.03
CA PHE A 226 2.21 68.42 19.68
C PHE A 226 1.12 68.60 20.74
N ASN A 227 1.06 67.68 21.69
CA ASN A 227 0.14 67.80 22.81
C ASN A 227 0.79 67.36 24.12
N ASN A 228 2.13 67.38 24.16
CA ASN A 228 2.91 67.00 25.35
C ASN A 228 2.58 65.58 25.80
N HIS A 229 2.20 64.71 24.86
CA HIS A 229 1.79 63.36 25.21
C HIS A 229 2.29 62.29 24.24
N THR A 230 3.06 62.66 23.21
CA THR A 230 3.72 61.76 22.26
C THR A 230 2.87 60.58 21.81
N LEU A 231 1.62 60.84 21.42
CA LEU A 231 0.77 59.80 20.84
C LEU A 231 1.23 59.35 19.45
N CYS A 232 2.33 59.90 18.92
CA CYS A 232 2.83 59.52 17.61
C CYS A 232 1.79 59.77 16.53
N TYR A 233 1.44 61.05 16.31
CA TYR A 233 0.41 61.47 15.35
C TYR A 233 0.92 62.48 14.33
N ASN A 234 -0.02 63.10 13.60
CA ASN A 234 0.24 64.20 12.67
C ASN A 234 0.85 63.73 11.36
N ASN A 235 1.10 62.42 11.24
CA ASN A 235 1.52 61.79 9.99
C ASN A 235 2.71 62.46 9.33
N PHE A 236 2.63 62.66 8.02
CA PHE A 236 3.69 63.23 7.21
C PHE A 236 3.14 63.73 5.89
N GLN A 237 4.00 64.03 4.93
CA GLN A 237 3.55 64.49 3.61
C GLN A 237 2.93 63.30 2.89
N LYS A 238 1.62 63.16 2.98
CA LYS A 238 0.91 62.03 2.41
C LYS A 238 -0.57 62.41 2.27
N HIS A 239 -1.28 61.62 1.46
CA HIS A 239 -2.70 61.84 1.25
C HIS A 239 -3.52 60.68 1.80
N ILE A 246 -7.46 62.56 0.66
CA ILE A 246 -8.63 62.15 -0.09
C ILE A 246 -8.53 60.67 -0.44
N ARG A 247 -7.34 60.11 -0.29
CA ARG A 247 -7.08 58.70 -0.57
C ARG A 247 -7.14 57.82 0.66
N HIS A 248 -7.53 58.38 1.81
CA HIS A 248 -7.60 57.58 3.03
C HIS A 248 -8.83 56.69 3.08
N HIS A 249 -9.81 56.92 2.21
CA HIS A 249 -10.98 56.06 2.18
C HIS A 249 -10.68 54.71 1.54
N VAL A 250 -9.90 54.72 0.45
CA VAL A 250 -9.66 53.48 -0.30
C VAL A 250 -8.81 52.51 0.51
N LEU A 251 -7.87 53.03 1.31
CA LEU A 251 -7.06 52.14 2.15
C LEU A 251 -7.91 51.44 3.20
N THR A 252 -8.83 52.17 3.85
CA THR A 252 -9.73 51.55 4.80
C THR A 252 -10.65 50.55 4.10
N TRP A 253 -11.10 50.88 2.89
CA TRP A 253 -11.95 49.96 2.15
C TRP A 253 -11.23 48.66 1.84
N VAL A 254 -10.02 48.75 1.28
CA VAL A 254 -9.30 47.53 0.92
C VAL A 254 -8.94 46.75 2.18
N LYS A 255 -8.67 47.44 3.29
CA LYS A 255 -8.50 46.74 4.56
C LYS A 255 -9.77 45.99 4.93
N PHE A 256 -10.93 46.58 4.65
CA PHE A 256 -12.19 45.90 4.94
C PHE A 256 -12.37 44.64 4.11
N ILE A 257 -12.12 44.71 2.80
CA ILE A 257 -12.26 43.52 1.97
C ILE A 257 -11.26 42.44 2.38
N ILE A 258 -10.00 42.81 2.59
CA ILE A 258 -9.03 41.79 2.98
C ILE A 258 -9.29 41.29 4.39
N GLY A 259 -10.02 42.05 5.20
CA GLY A 259 -10.30 41.64 6.56
C GLY A 259 -11.65 40.97 6.77
N TYR A 260 -12.69 41.47 6.13
CA TYR A 260 -14.02 40.95 6.42
C TYR A 260 -14.77 40.43 5.19
N LEU A 261 -14.70 41.14 4.07
CA LEU A 261 -15.52 40.76 2.92
C LEU A 261 -15.15 39.37 2.40
N PHE A 262 -13.87 39.13 2.17
CA PHE A 262 -13.41 37.83 1.69
C PHE A 262 -13.30 36.79 2.82
N PRO A 263 -12.67 37.11 3.96
CA PRO A 263 -12.54 36.07 5.00
C PRO A 263 -13.86 35.56 5.54
N LEU A 264 -14.82 36.45 5.82
CA LEU A 264 -16.10 36.00 6.35
C LEU A 264 -16.87 35.17 5.34
N LEU A 265 -16.83 35.58 4.06
CA LEU A 265 -17.49 34.80 3.02
C LEU A 265 -16.86 33.42 2.89
N THR A 266 -15.52 33.34 2.91
CA THR A 266 -14.86 32.05 2.81
C THR A 266 -15.20 31.17 4.01
N MET A 267 -15.19 31.75 5.22
CA MET A 267 -15.55 30.99 6.41
C MET A 267 -16.98 30.49 6.39
N SER A 268 -17.92 31.33 5.95
CA SER A 268 -19.32 30.90 5.84
C SER A 268 -19.46 29.79 4.81
N ILE A 269 -18.78 29.90 3.68
CA ILE A 269 -18.84 28.83 2.67
C ILE A 269 -18.23 27.55 3.19
N CYS A 270 -17.16 27.64 3.98
CA CYS A 270 -16.50 26.45 4.49
C CYS A 270 -17.34 25.76 5.55
N TYR A 271 -17.90 26.52 6.49
CA TYR A 271 -18.61 25.95 7.63
C TYR A 271 -19.84 25.16 7.20
N LEU A 272 -20.85 25.87 6.67
CA LEU A 272 -22.14 25.27 6.31
C LEU A 272 -22.68 24.39 7.42
N CYS A 273 -22.51 24.86 8.66
CA CYS A 273 -22.84 24.07 9.86
C CYS A 273 -22.12 22.73 9.80
N LEU A 274 -22.82 21.69 9.36
CA LEU A 274 -22.22 20.38 9.15
C LEU A 274 -22.33 19.97 7.68
N ILE A 275 -22.46 20.95 6.80
CA ILE A 275 -22.52 20.73 5.36
C ILE A 275 -23.67 19.80 4.98
N VAL A 297 -16.70 29.72 14.70
CA VAL A 297 -16.90 30.82 13.75
C VAL A 297 -17.59 32.00 14.44
N VAL A 298 -18.21 31.72 15.59
CA VAL A 298 -18.88 32.78 16.33
C VAL A 298 -17.86 33.76 16.90
N ALA A 299 -16.72 33.27 17.37
CA ALA A 299 -15.69 34.15 17.90
C ALA A 299 -15.15 35.10 16.85
N PHE A 300 -14.94 34.59 15.62
CA PHE A 300 -14.45 35.44 14.55
C PHE A 300 -15.48 36.49 14.15
N VAL A 301 -16.77 36.15 14.23
CA VAL A 301 -17.82 37.12 13.92
C VAL A 301 -17.82 38.26 14.91
N VAL A 302 -17.54 37.97 16.19
CA VAL A 302 -17.52 39.00 17.23
C VAL A 302 -16.15 39.66 17.35
N CYS A 303 -15.19 39.27 16.52
CA CYS A 303 -13.85 39.85 16.54
C CYS A 303 -13.64 40.86 15.41
N TRP A 304 -13.79 40.42 14.16
CA TRP A 304 -13.52 41.26 13.00
C TRP A 304 -14.63 42.26 12.69
N THR A 305 -15.90 41.86 12.86
CA THR A 305 -17.00 42.77 12.56
C THR A 305 -17.00 44.04 13.41
N PRO A 306 -16.84 43.99 14.75
CA PRO A 306 -16.86 45.25 15.51
C PRO A 306 -15.77 46.23 15.09
N TYR A 307 -14.59 45.73 14.72
CA TYR A 307 -13.52 46.61 14.27
C TYR A 307 -13.89 47.30 12.95
N HIS A 308 -14.35 46.53 11.97
CA HIS A 308 -14.77 47.09 10.70
C HIS A 308 -16.01 47.97 10.86
N LEU A 309 -16.95 47.58 11.72
CA LEU A 309 -18.10 48.44 12.01
C LEU A 309 -17.64 49.75 12.62
N PHE A 310 -16.66 49.70 13.52
CA PHE A 310 -16.10 50.91 14.12
C PHE A 310 -15.44 51.77 13.05
N SER A 311 -14.70 51.15 12.13
CA SER A 311 -14.02 51.88 11.07
C SER A 311 -15.02 52.61 10.20
N ILE A 312 -16.09 51.92 9.81
CA ILE A 312 -17.17 52.51 9.05
C ILE A 312 -17.78 53.65 9.86
N TRP A 313 -17.82 53.47 11.19
CA TRP A 313 -18.38 54.49 12.07
C TRP A 313 -17.60 55.79 12.02
N GLU A 314 -16.26 55.75 12.11
CA GLU A 314 -15.55 57.03 12.02
C GLU A 314 -15.60 57.55 10.59
N LEU A 315 -15.58 56.65 9.60
CA LEU A 315 -15.59 57.08 8.21
C LEU A 315 -16.84 57.89 7.90
N THR A 316 -18.02 57.34 8.18
CA THR A 316 -19.28 58.00 7.85
C THR A 316 -19.45 59.30 8.64
N ILE A 317 -18.99 59.32 9.90
CA ILE A 317 -19.17 60.54 10.70
C ILE A 317 -18.22 61.64 10.23
N HIS A 318 -16.96 61.32 9.95
CA HIS A 318 -16.01 62.38 9.59
C HIS A 318 -16.10 62.72 8.11
N HIS A 319 -16.94 61.98 7.37
CA HIS A 319 -17.25 62.39 6.00
C HIS A 319 -17.83 63.80 5.96
N ASN A 320 -18.81 64.10 6.82
CA ASN A 320 -19.41 65.42 6.86
C ASN A 320 -19.21 66.13 8.19
N SER A 321 -19.57 65.46 9.30
CA SER A 321 -19.50 66.07 10.62
C SER A 321 -18.41 65.41 11.46
N TYR A 322 -17.19 65.93 11.38
CA TYR A 322 -16.02 65.35 12.03
C TYR A 322 -16.25 65.07 13.51
N SER A 323 -15.66 63.97 14.01
CA SER A 323 -15.85 63.59 15.40
C SER A 323 -15.29 64.65 16.33
N HIS A 324 -15.82 64.68 17.56
CA HIS A 324 -15.49 65.75 18.50
C HIS A 324 -15.56 65.24 19.95
N HIS A 325 -15.70 66.17 20.89
CA HIS A 325 -15.67 65.90 22.33
C HIS A 325 -16.49 64.68 22.74
N VAL A 326 -17.52 64.34 21.97
CA VAL A 326 -18.24 63.09 22.18
C VAL A 326 -17.34 61.88 22.07
N MET A 327 -16.14 62.05 21.49
CA MET A 327 -15.05 61.08 21.51
C MET A 327 -15.29 59.88 20.60
N GLN A 328 -14.19 59.29 20.13
CA GLN A 328 -14.22 58.07 19.33
C GLN A 328 -12.96 57.27 19.64
N ALA A 329 -13.09 56.30 20.54
CA ALA A 329 -11.93 55.62 21.11
C ALA A 329 -12.11 54.11 21.07
N GLY A 330 -12.43 53.56 19.91
CA GLY A 330 -12.63 52.14 19.77
C GLY A 330 -11.35 51.32 19.77
N ILE A 331 -10.22 51.96 20.03
CA ILE A 331 -8.93 51.28 20.10
C ILE A 331 -8.94 50.21 21.19
N PRO A 332 -9.41 50.49 22.41
CA PRO A 332 -9.62 49.40 23.37
C PRO A 332 -10.64 48.37 22.91
N LEU A 333 -11.66 48.77 22.14
CA LEU A 333 -12.59 47.79 21.59
C LEU A 333 -11.89 46.85 20.61
N SER A 334 -11.04 47.39 19.75
CA SER A 334 -10.21 46.57 18.88
C SER A 334 -9.24 45.69 19.66
N THR A 335 -8.67 46.19 20.75
CA THR A 335 -7.83 45.40 21.63
C THR A 335 -8.60 44.24 22.24
N GLY A 336 -9.84 44.47 22.67
CA GLY A 336 -10.66 43.39 23.19
C GLY A 336 -11.02 42.37 22.14
N LEU A 337 -11.32 42.82 20.92
CA LEU A 337 -11.60 41.89 19.83
C LEU A 337 -10.38 41.02 19.52
N ALA A 338 -9.21 41.64 19.45
CA ALA A 338 -7.98 40.89 19.24
C ALA A 338 -7.69 39.96 20.42
N PHE A 339 -8.07 40.37 21.64
CA PHE A 339 -7.93 39.51 22.80
C PHE A 339 -8.80 38.27 22.65
N LEU A 340 -10.04 38.45 22.22
CA LEU A 340 -10.93 37.31 21.99
C LEU A 340 -10.37 36.38 20.93
N ASN A 341 -9.84 36.96 19.85
CA ASN A 341 -9.25 36.17 18.78
C ASN A 341 -8.04 35.37 19.28
N SER A 342 -7.18 36.02 20.06
CA SER A 342 -5.96 35.36 20.54
C SER A 342 -6.27 34.32 21.60
N CYS A 343 -7.39 34.50 22.32
CA CYS A 343 -7.84 33.45 23.23
C CYS A 343 -8.40 32.26 22.46
N LEU A 344 -9.20 32.53 21.43
CA LEU A 344 -9.90 31.48 20.70
C LEU A 344 -8.98 30.64 19.83
N ASN A 345 -8.10 31.28 19.05
CA ASN A 345 -7.38 30.58 17.98
C ASN A 345 -6.49 29.44 18.50
N PRO A 346 -5.62 29.66 19.51
CA PRO A 346 -4.87 28.53 20.07
C PRO A 346 -5.78 27.46 20.66
N ILE A 347 -6.89 27.90 21.27
CA ILE A 347 -7.80 26.98 21.96
C ILE A 347 -8.49 26.07 20.96
N LEU A 348 -9.03 26.66 19.87
CA LEU A 348 -9.75 25.86 18.89
C LEU A 348 -8.81 24.95 18.10
N TYR A 349 -7.59 25.43 17.83
CA TYR A 349 -6.61 24.64 17.09
C TYR A 349 -5.90 23.65 18.00
N SEP A 382 -2.43 -8.86 15.73
CA SEP A 382 -2.59 -9.77 14.60
CB SEP A 382 -2.71 -8.98 13.29
OG SEP A 382 -3.82 -8.10 13.31
C SEP A 382 -1.44 -10.76 14.51
O SEP A 382 -0.28 -10.40 14.75
P SEP A 382 -3.92 -7.33 11.91
O1P SEP A 382 -5.18 -6.33 11.94
O2P SEP A 382 -2.57 -6.49 11.67
O3P SEP A 382 -4.11 -8.40 10.72
N CYS A 383 -1.76 -12.00 14.16
CA CYS A 383 -0.74 -13.03 13.99
C CYS A 383 -0.25 -13.05 12.55
N TPO A 384 0.02 -14.25 12.04
CA TPO A 384 0.49 -14.41 10.66
CB TPO A 384 1.97 -14.81 10.66
CG2 TPO A 384 2.17 -16.33 10.50
OG1 TPO A 384 2.65 -14.13 9.60
P TPO A 384 3.42 -12.88 10.26
O1P TPO A 384 2.44 -11.79 10.52
O2P TPO A 384 4.56 -12.36 9.27
O3P TPO A 384 4.08 -13.35 11.65
C TPO A 384 -0.37 -15.43 9.91
O TPO A 384 -1.01 -16.29 10.52
N TPO A 385 -0.40 -15.31 8.59
CA TPO A 385 -1.19 -16.20 7.76
CB TPO A 385 -1.74 -15.46 6.55
CG2 TPO A 385 -2.40 -16.43 5.58
OG1 TPO A 385 -2.70 -14.49 6.98
P TPO A 385 -2.10 -13.05 6.64
O1P TPO A 385 -1.42 -13.09 5.32
O2P TPO A 385 -1.04 -12.62 7.77
O3P TPO A 385 -3.28 -11.97 6.58
C TPO A 385 -0.37 -17.42 7.32
O TPO A 385 0.62 -17.28 6.60
N ALA A 386 -0.80 -18.59 7.76
CA ALA A 386 -0.12 -19.84 7.41
C ALA A 386 -0.97 -20.67 6.46
N SEP A 387 -0.78 -21.99 6.51
CA SEP A 387 -1.53 -22.91 5.66
CB SEP A 387 -0.92 -22.94 4.26
OG SEP A 387 0.41 -23.43 4.30
C SEP A 387 -1.57 -24.30 6.27
O SEP A 387 -0.87 -24.59 7.24
P SEP A 387 1.18 -23.03 2.95
O1P SEP A 387 2.50 -23.94 2.79
O2P SEP A 387 1.62 -21.47 3.04
O3P SEP A 387 0.22 -23.24 1.68
N SEP A 388 -2.39 -25.17 5.69
CA SEP A 388 -2.50 -26.54 6.17
CB SEP A 388 -3.74 -26.70 7.06
OG SEP A 388 -3.78 -27.99 7.65
C SEP A 388 -2.54 -27.54 5.02
O SEP A 388 -1.88 -27.35 4.00
P SEP A 388 -3.94 -27.86 9.24
O1P SEP A 388 -3.92 -29.33 9.91
O2P SEP A 388 -5.34 -27.15 9.58
O3P SEP A 388 -2.73 -26.98 9.83
N SEP A 389 -3.34 -28.59 5.18
CA SEP A 389 -3.41 -29.65 4.17
CB SEP A 389 -2.42 -30.75 4.49
OG SEP A 389 -2.74 -31.37 5.73
C SEP A 389 -4.81 -30.23 4.03
O SEP A 389 -5.53 -30.38 5.02
P SEP A 389 -1.46 -32.13 6.33
O1P SEP A 389 -0.42 -31.05 6.91
O2P SEP A 389 -0.76 -32.99 5.16
O3P SEP A 389 -1.92 -33.12 7.51
N LEU A 390 -5.20 -30.54 2.81
CA LEU A 390 -6.50 -31.15 2.54
C LEU A 390 -6.35 -32.44 1.74
N ALA A 391 -7.44 -33.20 1.63
CA ALA A 391 -7.43 -34.46 0.89
C ALA A 391 -7.33 -34.20 -0.61
N SER B 143 -10.34 70.66 14.71
CA SER B 143 -8.97 70.22 14.98
C SER B 143 -8.86 69.63 16.39
N PHE B 144 -9.93 69.77 17.16
CA PHE B 144 -9.96 69.22 18.52
C PHE B 144 -9.83 67.69 18.48
N TYR B 145 -10.55 67.06 17.56
CA TYR B 145 -10.47 65.62 17.33
C TYR B 145 -10.08 65.34 15.88
N PHE B 146 -9.05 66.04 15.41
CA PHE B 146 -8.55 65.82 14.06
C PHE B 146 -8.15 64.36 13.88
N PRO B 147 -8.54 63.72 12.77
CA PRO B 147 -8.22 62.30 12.57
C PRO B 147 -6.75 61.98 12.79
N GLY B 148 -6.46 61.20 13.84
CA GLY B 148 -5.08 60.90 14.16
C GLY B 148 -4.41 60.05 13.11
N GLN B 149 -5.09 59.00 12.62
CA GLN B 149 -4.57 58.05 11.65
C GLN B 149 -3.44 57.24 12.26
N PHE B 150 -3.21 56.02 11.74
CA PHE B 150 -2.13 55.15 12.18
C PHE B 150 -2.41 54.60 13.59
N ALA B 151 -3.60 54.89 14.11
CA ALA B 151 -3.99 54.43 15.43
C ALA B 151 -3.85 52.91 15.57
N PHE B 152 -4.25 52.18 14.53
CA PHE B 152 -4.00 50.74 14.47
C PHE B 152 -4.07 50.28 13.02
N THR C 6 -4.74 -28.93 -1.30
CA THR C 6 -5.25 -27.59 -1.58
C THR C 6 -4.50 -26.55 -0.77
N ARG C 7 -4.20 -26.89 0.49
CA ARG C 7 -3.44 -26.03 1.40
C ARG C 7 -4.15 -24.68 1.58
N VAL C 8 -5.34 -24.76 2.21
CA VAL C 8 -6.11 -23.57 2.47
C VAL C 8 -5.36 -22.64 3.42
N PHE C 9 -5.76 -21.37 3.42
CA PHE C 9 -5.13 -20.34 4.23
C PHE C 9 -5.88 -20.18 5.54
N LYS C 10 -5.13 -20.14 6.65
CA LYS C 10 -5.71 -19.97 7.97
C LYS C 10 -5.05 -18.79 8.67
N LYS C 11 -5.79 -18.18 9.58
CA LYS C 11 -5.32 -17.02 10.34
C LYS C 11 -5.73 -17.23 11.81
N ALA C 12 -4.80 -17.73 12.60
CA ALA C 12 -5.08 -18.00 14.01
C ALA C 12 -5.11 -16.69 14.80
N SER C 13 -6.03 -16.63 15.77
CA SER C 13 -6.12 -15.48 16.65
C SER C 13 -4.94 -15.47 17.61
N PRO C 14 -4.62 -14.30 18.18
CA PRO C 14 -3.51 -14.25 19.16
C PRO C 14 -3.70 -15.21 20.32
N ASN C 15 -4.92 -15.38 20.80
CA ASN C 15 -5.19 -16.41 21.79
C ASN C 15 -5.39 -17.76 21.11
N GLY C 16 -5.18 -18.83 21.88
CA GLY C 16 -5.28 -20.17 21.33
C GLY C 16 -6.69 -20.65 21.08
N LYS C 17 -7.45 -19.90 20.30
CA LYS C 17 -8.83 -20.25 19.98
C LYS C 17 -9.30 -19.38 18.82
N LEU C 18 -10.43 -19.77 18.23
CA LEU C 18 -11.14 -18.99 17.22
C LEU C 18 -10.25 -18.72 15.99
N THR C 19 -9.93 -19.81 15.31
CA THR C 19 -9.24 -19.70 14.02
C THR C 19 -10.25 -19.73 12.88
N VAL C 20 -9.82 -19.22 11.73
CA VAL C 20 -10.66 -19.15 10.53
C VAL C 20 -9.89 -19.76 9.36
N TYR C 21 -10.58 -20.58 8.58
CA TYR C 21 -10.00 -21.21 7.39
C TYR C 21 -10.64 -20.63 6.14
N LEU C 22 -9.80 -20.30 5.16
CA LEU C 22 -10.26 -19.80 3.86
C LEU C 22 -9.56 -20.57 2.76
N GLY C 23 -10.33 -21.03 1.77
CA GLY C 23 -9.75 -21.72 0.63
C GLY C 23 -8.95 -20.82 -0.29
N LYS C 24 -9.25 -19.52 -0.31
CA LYS C 24 -8.52 -18.56 -1.12
C LYS C 24 -8.77 -17.17 -0.54
N ARG C 25 -7.90 -16.23 -0.92
CA ARG C 25 -8.05 -14.84 -0.52
C ARG C 25 -8.20 -13.93 -1.72
N ASP C 26 -8.57 -14.47 -2.88
CA ASP C 26 -8.79 -13.71 -4.10
C ASP C 26 -10.13 -14.10 -4.68
N PHE C 27 -11.11 -13.21 -4.56
CA PHE C 27 -12.46 -13.43 -5.08
C PHE C 27 -12.65 -12.56 -6.32
N VAL C 28 -12.87 -13.21 -7.46
CA VAL C 28 -13.07 -12.48 -8.70
C VAL C 28 -14.44 -11.80 -8.69
N ASP C 29 -14.57 -10.76 -9.52
CA ASP C 29 -15.81 -9.99 -9.63
C ASP C 29 -16.29 -10.09 -11.07
N HIS C 30 -17.26 -10.96 -11.32
CA HIS C 30 -17.89 -11.03 -12.63
C HIS C 30 -18.79 -9.82 -12.85
N ILE C 31 -19.15 -9.61 -14.12
CA ILE C 31 -20.03 -8.48 -14.45
C ILE C 31 -21.41 -8.67 -13.83
N ASP C 32 -21.89 -9.91 -13.76
CA ASP C 32 -23.24 -10.16 -13.24
C ASP C 32 -23.24 -10.50 -11.75
N LEU C 33 -22.50 -11.54 -11.35
CA LEU C 33 -22.51 -12.03 -9.98
C LEU C 33 -21.12 -11.93 -9.37
N VAL C 34 -21.05 -12.24 -8.08
CA VAL C 34 -19.81 -12.24 -7.31
C VAL C 34 -19.65 -13.59 -6.64
N ASP C 35 -18.44 -14.13 -6.67
CA ASP C 35 -18.17 -15.42 -6.06
C ASP C 35 -18.36 -15.35 -4.54
N PRO C 36 -19.22 -16.19 -3.96
CA PRO C 36 -19.44 -16.13 -2.51
C PRO C 36 -18.21 -16.53 -1.72
N VAL C 37 -18.08 -15.95 -0.54
CA VAL C 37 -16.98 -16.28 0.36
C VAL C 37 -17.36 -17.53 1.16
N ASP C 38 -16.47 -18.52 1.14
CA ASP C 38 -16.68 -19.77 1.86
C ASP C 38 -15.47 -20.07 2.73
N GLY C 39 -15.69 -20.85 3.78
CA GLY C 39 -14.64 -21.17 4.72
C GLY C 39 -15.20 -21.80 5.98
N VAL C 40 -14.32 -22.00 6.94
CA VAL C 40 -14.66 -22.60 8.23
C VAL C 40 -14.03 -21.79 9.34
N VAL C 41 -14.83 -21.45 10.35
CA VAL C 41 -14.33 -20.91 11.61
C VAL C 41 -14.40 -22.02 12.65
N LEU C 42 -13.32 -22.21 13.40
CA LEU C 42 -13.23 -23.28 14.38
C LEU C 42 -13.28 -22.71 15.78
N VAL C 43 -14.06 -23.36 16.64
CA VAL C 43 -14.19 -22.98 18.04
C VAL C 43 -14.06 -24.24 18.90
N ASP C 44 -13.30 -24.13 19.98
CA ASP C 44 -13.12 -25.22 20.91
C ASP C 44 -14.39 -25.45 21.72
N PRO C 45 -14.57 -26.66 22.28
CA PRO C 45 -15.76 -26.90 23.12
C PRO C 45 -15.87 -25.95 24.30
N GLU C 46 -14.75 -25.58 24.91
CA GLU C 46 -14.75 -24.57 25.96
C GLU C 46 -14.91 -23.18 25.36
N TYR C 47 -15.15 -22.20 26.24
CA TYR C 47 -15.26 -20.80 25.85
C TYR C 47 -16.52 -20.55 25.01
N LEU C 48 -17.25 -21.62 24.71
CA LEU C 48 -18.42 -21.56 23.83
C LEU C 48 -19.69 -22.09 24.47
N LYS C 49 -19.59 -22.78 25.62
CA LYS C 49 -20.75 -23.49 26.17
C LYS C 49 -21.93 -22.55 26.42
N GLU C 50 -21.65 -21.29 26.76
CA GLU C 50 -22.70 -20.30 26.97
C GLU C 50 -22.75 -19.24 25.89
N ARG C 51 -21.85 -19.30 24.90
CA ARG C 51 -21.73 -18.27 23.88
C ARG C 51 -22.11 -18.83 22.51
N ARG C 52 -22.20 -17.93 21.52
CA ARG C 52 -22.49 -18.29 20.15
C ARG C 52 -21.53 -17.59 19.22
N VAL C 53 -21.07 -18.31 18.19
CA VAL C 53 -20.03 -17.84 17.29
C VAL C 53 -20.66 -17.43 15.96
N TYR C 54 -20.21 -16.30 15.43
CA TYR C 54 -20.68 -15.78 14.16
C TYR C 54 -19.61 -14.88 13.57
N VAL C 55 -19.76 -14.58 12.29
CA VAL C 55 -18.73 -13.87 11.52
C VAL C 55 -19.28 -12.55 11.03
N THR C 56 -18.38 -11.70 10.53
CA THR C 56 -18.73 -10.40 9.98
C THR C 56 -17.61 -9.87 9.09
N LEU C 57 -17.95 -9.38 7.90
CA LEU C 57 -16.98 -8.76 7.00
C LEU C 57 -17.33 -7.29 6.85
N THR C 58 -16.29 -6.46 6.72
CA THR C 58 -16.45 -5.01 6.62
C THR C 58 -15.82 -4.51 5.33
N ALA C 59 -16.53 -3.63 4.63
CA ALA C 59 -16.01 -2.97 3.44
C ALA C 59 -15.49 -1.60 3.86
N ALA C 60 -14.31 -1.61 4.48
CA ALA C 60 -13.74 -0.39 5.04
C ALA C 60 -13.30 0.57 3.94
N PHE C 61 -13.31 1.86 4.28
CA PHE C 61 -12.86 2.94 3.42
C PHE C 61 -11.93 3.86 4.20
N ARG C 62 -10.95 3.28 4.88
CA ARG C 62 -10.00 4.03 5.68
C ARG C 62 -9.21 5.01 4.83
N TYR C 63 -9.47 6.30 5.01
CA TYR C 63 -8.78 7.35 4.26
C TYR C 63 -7.96 8.28 5.15
N GLY C 64 -7.78 7.93 6.41
CA GLY C 64 -7.01 8.75 7.32
C GLY C 64 -5.51 8.69 7.07
N PHE C 75 -11.00 6.83 10.32
CA PHE C 75 -12.08 7.27 9.44
C PHE C 75 -12.49 6.15 8.50
N ARG C 76 -12.77 4.98 9.06
CA ARG C 76 -13.17 3.80 8.28
C ARG C 76 -14.65 3.89 7.97
N LYS C 77 -14.97 4.52 6.83
CA LYS C 77 -16.36 4.63 6.39
C LYS C 77 -16.84 3.29 5.83
N ASP C 78 -17.49 2.50 6.67
CA ASP C 78 -17.94 1.17 6.27
C ASP C 78 -19.03 1.27 5.20
N LEU C 79 -19.00 0.34 4.26
CA LEU C 79 -19.95 0.31 3.15
C LEU C 79 -20.81 -0.94 3.15
N PHE C 80 -20.21 -2.12 3.34
CA PHE C 80 -20.93 -3.38 3.30
C PHE C 80 -20.68 -4.11 4.62
N VAL C 81 -21.76 -4.43 5.33
CA VAL C 81 -21.70 -5.23 6.54
C VAL C 81 -22.71 -6.37 6.41
N ALA C 82 -22.26 -7.59 6.64
CA ALA C 82 -23.12 -8.77 6.59
C ALA C 82 -22.76 -9.71 7.71
N ASN C 83 -23.77 -10.20 8.43
CA ASN C 83 -23.58 -11.09 9.56
C ASN C 83 -24.42 -12.34 9.38
N VAL C 84 -23.81 -13.50 9.59
CA VAL C 84 -24.49 -14.79 9.55
C VAL C 84 -24.08 -15.58 10.78
N GLN C 85 -25.04 -16.29 11.38
CA GLN C 85 -24.82 -17.05 12.59
C GLN C 85 -24.41 -18.48 12.23
N SER C 86 -23.21 -18.87 12.66
CA SER C 86 -22.70 -20.21 12.39
C SER C 86 -23.06 -21.22 13.47
N PHE C 87 -23.60 -20.77 14.60
CA PHE C 87 -23.97 -21.65 15.71
C PHE C 87 -25.43 -21.41 16.07
N PRO C 88 -26.36 -22.20 15.52
CA PRO C 88 -27.79 -22.09 15.80
C PRO C 88 -28.11 -22.28 17.29
N LYS C 95 -29.50 -24.05 3.64
CA LYS C 95 -28.63 -23.54 2.58
C LYS C 95 -27.58 -24.57 2.19
N PRO C 96 -27.32 -24.69 0.88
CA PRO C 96 -26.36 -25.69 0.41
C PRO C 96 -24.92 -25.32 0.75
N LEU C 97 -24.05 -26.32 0.78
CA LEU C 97 -22.65 -26.14 1.15
C LEU C 97 -21.76 -26.64 0.01
N THR C 98 -20.68 -25.91 -0.25
CA THR C 98 -19.84 -26.22 -1.39
C THR C 98 -18.94 -27.42 -1.12
N ARG C 99 -18.26 -27.88 -2.17
CA ARG C 99 -17.40 -29.06 -2.05
C ARG C 99 -16.24 -28.81 -1.09
N LEU C 100 -15.58 -27.65 -1.20
CA LEU C 100 -14.51 -27.34 -0.27
C LEU C 100 -15.04 -27.24 1.15
N GLN C 101 -16.30 -26.83 1.30
CA GLN C 101 -16.90 -26.71 2.62
C GLN C 101 -17.00 -28.08 3.31
N GLU C 102 -17.38 -29.11 2.55
CA GLU C 102 -17.47 -30.45 3.12
C GLU C 102 -16.09 -30.98 3.52
N ARG C 103 -15.08 -30.72 2.69
CA ARG C 103 -13.75 -31.26 2.96
C ARG C 103 -13.18 -30.71 4.26
N LEU C 104 -13.40 -29.41 4.51
CA LEU C 104 -12.93 -28.81 5.76
C LEU C 104 -13.65 -29.40 6.97
N ILE C 105 -14.96 -29.62 6.85
CA ILE C 105 -15.73 -30.18 7.96
C ILE C 105 -15.25 -31.59 8.28
N LYS C 106 -15.01 -32.40 7.25
CA LYS C 106 -14.55 -33.77 7.47
C LYS C 106 -13.16 -33.79 8.10
N LYS C 107 -12.25 -32.96 7.62
CA LYS C 107 -10.87 -33.00 8.10
C LYS C 107 -10.76 -32.43 9.51
N LEU C 108 -11.38 -31.28 9.77
CA LEU C 108 -11.20 -30.61 11.05
C LEU C 108 -11.89 -31.38 12.18
N GLY C 109 -13.12 -31.84 11.94
CA GLY C 109 -13.86 -32.63 12.90
C GLY C 109 -15.27 -32.13 13.05
N GLU C 110 -15.98 -32.72 14.02
CA GLU C 110 -17.38 -32.35 14.24
C GLU C 110 -17.51 -30.95 14.83
N HIS C 111 -16.56 -30.54 15.67
CA HIS C 111 -16.62 -29.25 16.34
C HIS C 111 -16.12 -28.12 15.44
N ALA C 112 -16.70 -28.03 14.25
CA ALA C 112 -16.40 -26.96 13.30
C ALA C 112 -17.71 -26.50 12.68
N TYR C 113 -17.95 -25.19 12.70
CA TYR C 113 -19.19 -24.62 12.18
C TYR C 113 -18.89 -23.74 10.98
N PRO C 114 -19.48 -24.01 9.82
CA PRO C 114 -19.16 -23.26 8.61
C PRO C 114 -19.71 -21.84 8.64
N PHE C 115 -19.09 -20.97 7.85
CA PHE C 115 -19.59 -19.62 7.62
C PHE C 115 -19.54 -19.32 6.13
N THR C 116 -20.50 -18.52 5.66
CA THR C 116 -20.58 -18.17 4.26
C THR C 116 -21.06 -16.73 4.14
N PHE C 117 -20.74 -16.10 3.01
CA PHE C 117 -21.08 -14.70 2.77
C PHE C 117 -21.64 -14.55 1.37
N GLU C 118 -22.45 -13.51 1.19
CA GLU C 118 -23.04 -13.17 -0.10
C GLU C 118 -22.74 -11.71 -0.41
N ILE C 119 -22.15 -11.47 -1.57
CA ILE C 119 -21.73 -10.13 -1.99
C ILE C 119 -22.60 -9.71 -3.17
N PRO C 120 -23.42 -8.67 -3.03
CA PRO C 120 -24.21 -8.18 -4.16
C PRO C 120 -23.34 -7.43 -5.14
N PRO C 121 -23.81 -7.23 -6.38
CA PRO C 121 -23.02 -6.48 -7.36
C PRO C 121 -23.01 -4.98 -7.08
N ASN C 122 -22.43 -4.21 -8.01
CA ASN C 122 -22.36 -2.75 -7.92
C ASN C 122 -21.61 -2.29 -6.68
N LEU C 123 -20.52 -2.98 -6.36
CA LEU C 123 -19.63 -2.57 -5.29
C LEU C 123 -18.22 -2.36 -5.83
N PRO C 124 -17.48 -1.40 -5.29
CA PRO C 124 -16.14 -1.11 -5.81
C PRO C 124 -15.16 -2.24 -5.53
N SER C 125 -14.17 -2.36 -6.41
CA SER C 125 -13.12 -3.34 -6.23
C SER C 125 -12.06 -2.82 -5.27
N SER C 126 -11.18 -3.72 -4.85
CA SER C 126 -10.13 -3.38 -3.88
C SER C 126 -9.01 -2.64 -4.59
N VAL C 127 -8.96 -1.32 -4.41
CA VAL C 127 -7.93 -0.47 -4.98
C VAL C 127 -7.38 0.42 -3.88
N THR C 128 -6.07 0.61 -3.87
CA THR C 128 -5.38 1.39 -2.85
C THR C 128 -4.51 2.44 -3.51
N LEU C 129 -4.63 3.69 -3.08
CA LEU C 129 -3.82 4.76 -3.62
C LEU C 129 -2.37 4.66 -3.12
N GLN C 130 -1.45 5.20 -3.91
CA GLN C 130 -0.03 5.14 -3.59
C GLN C 130 0.40 6.33 -2.73
N PRO C 131 0.93 6.07 -1.54
CA PRO C 131 1.49 7.17 -0.73
C PRO C 131 2.95 7.42 -1.07
N GLY C 132 3.43 8.63 -0.78
CA GLY C 132 4.81 8.97 -1.03
C GLY C 132 5.73 8.54 0.09
N PRO C 133 6.60 9.44 0.55
CA PRO C 133 7.47 9.12 1.68
C PRO C 133 6.73 9.09 3.00
N GLU C 134 5.64 8.32 3.06
CA GLU C 134 4.80 8.21 4.26
C GLU C 134 4.34 9.57 4.77
N ALA C 139 -3.32 1.77 5.08
CA ALA C 139 -3.24 2.55 3.85
C ALA C 139 -4.55 3.27 3.58
N ILE C 140 -4.66 3.89 2.41
CA ILE C 140 -5.85 4.63 2.00
C ILE C 140 -6.42 3.96 0.75
N GLY C 141 -7.68 3.56 0.82
CA GLY C 141 -8.32 2.91 -0.29
C GLY C 141 -9.37 1.94 0.19
N VAL C 142 -9.99 1.26 -0.77
CA VAL C 142 -11.04 0.29 -0.46
C VAL C 142 -10.39 -1.04 -0.12
N ASP C 143 -10.58 -1.50 1.11
CA ASP C 143 -10.07 -2.78 1.57
C ASP C 143 -11.15 -3.53 2.32
N TYR C 144 -11.13 -4.85 2.20
CA TYR C 144 -12.11 -5.73 2.83
C TYR C 144 -11.41 -6.56 3.91
N GLU C 145 -12.03 -6.65 5.08
CA GLU C 145 -11.51 -7.44 6.18
C GLU C 145 -12.58 -8.39 6.68
N VAL C 146 -12.21 -9.65 6.85
CA VAL C 146 -13.10 -10.68 7.37
C VAL C 146 -12.69 -10.97 8.80
N LYS C 147 -13.60 -10.74 9.75
CA LYS C 147 -13.31 -10.92 11.16
C LYS C 147 -14.35 -11.82 11.79
N ALA C 148 -13.90 -12.67 12.72
CA ALA C 148 -14.77 -13.59 13.44
C ALA C 148 -14.61 -13.34 14.94
N PHE C 149 -15.74 -13.23 15.63
CA PHE C 149 -15.74 -13.00 17.07
C PHE C 149 -17.00 -13.60 17.67
N VAL C 150 -16.96 -13.83 18.97
CA VAL C 150 -18.01 -14.55 19.69
C VAL C 150 -18.65 -13.61 20.70
N ALA C 151 -19.97 -13.46 20.60
CA ALA C 151 -20.74 -12.61 21.50
C ALA C 151 -22.22 -12.97 21.33
N GLU C 152 -23.08 -12.18 21.99
CA GLU C 152 -24.52 -12.39 21.89
C GLU C 152 -25.24 -11.11 21.45
N ASN C 153 -24.74 -9.96 21.90
CA ASN C 153 -25.43 -8.69 21.67
C ASN C 153 -25.21 -8.12 20.29
N LEU C 154 -24.28 -8.67 19.51
CA LEU C 154 -23.97 -8.22 18.15
C LEU C 154 -23.42 -6.80 18.13
N GLU C 155 -23.26 -6.19 19.31
CA GLU C 155 -22.70 -4.84 19.41
C GLU C 155 -21.77 -4.67 20.59
N GLU C 156 -21.47 -5.72 21.35
CA GLU C 156 -20.60 -5.60 22.51
C GLU C 156 -19.18 -5.28 22.08
N LYS C 157 -18.54 -4.37 22.81
CA LYS C 157 -17.16 -3.98 22.52
C LYS C 157 -16.22 -5.13 22.85
N ILE C 158 -15.66 -5.75 21.82
CA ILE C 158 -14.77 -6.90 21.98
C ILE C 158 -13.38 -6.48 21.54
N HIS C 159 -12.38 -6.87 22.32
CA HIS C 159 -10.99 -6.51 22.01
C HIS C 159 -10.51 -7.30 20.81
N LYS C 160 -9.49 -6.75 20.13
CA LYS C 160 -8.92 -7.41 18.96
C LYS C 160 -8.23 -8.71 19.30
N ARG C 161 -7.85 -8.91 20.57
CA ARG C 161 -7.20 -10.16 20.96
C ARG C 161 -8.14 -11.34 20.79
N ASN C 162 -9.40 -11.18 21.16
CA ASN C 162 -10.40 -12.25 21.00
C ASN C 162 -11.11 -12.13 19.65
N SER C 163 -10.33 -12.03 18.58
CA SER C 163 -10.86 -11.87 17.23
C SER C 163 -9.74 -12.14 16.24
N VAL C 164 -10.11 -12.27 14.97
CA VAL C 164 -9.15 -12.45 13.88
C VAL C 164 -9.34 -11.30 12.89
N ARG C 165 -8.27 -10.99 12.17
CA ARG C 165 -8.27 -9.93 11.17
C ARG C 165 -7.55 -10.44 9.92
N LEU C 166 -8.32 -11.07 9.03
CA LEU C 166 -7.78 -11.62 7.79
C LEU C 166 -8.22 -10.71 6.65
N VAL C 167 -7.25 -10.16 5.93
CA VAL C 167 -7.54 -9.24 4.82
C VAL C 167 -7.77 -10.05 3.55
N ILE C 168 -8.84 -9.73 2.84
CA ILE C 168 -9.16 -10.36 1.57
C ILE C 168 -9.09 -9.30 0.48
N GLU C 169 -8.98 -9.77 -0.76
CA GLU C 169 -8.88 -8.90 -1.93
C GLU C 169 -9.98 -9.23 -2.92
N LYS C 170 -10.52 -8.20 -3.56
CA LYS C 170 -11.57 -8.34 -4.55
C LYS C 170 -11.17 -7.54 -5.79
N VAL C 171 -10.89 -8.23 -6.89
CA VAL C 171 -10.39 -7.60 -8.11
C VAL C 171 -11.14 -8.17 -9.30
N GLN C 172 -10.83 -7.63 -10.47
CA GLN C 172 -11.42 -8.07 -11.74
C GLN C 172 -10.31 -8.47 -12.70
N TYR C 173 -10.68 -9.32 -13.67
CA TYR C 173 -9.73 -9.85 -14.63
C TYR C 173 -10.26 -9.64 -16.05
N ALA C 174 -9.35 -9.76 -17.02
CA ALA C 174 -9.67 -9.43 -18.39
C ALA C 174 -10.74 -10.38 -18.94
N PRO C 175 -11.70 -9.86 -19.70
CA PRO C 175 -12.71 -10.71 -20.32
C PRO C 175 -12.19 -11.41 -21.57
N GLU C 176 -12.83 -12.52 -21.90
CA GLU C 176 -12.42 -13.30 -23.07
C GLU C 176 -12.63 -12.53 -24.37
N ARG C 177 -13.75 -11.82 -24.49
CA ARG C 177 -14.08 -11.15 -25.75
C ARG C 177 -13.31 -9.83 -25.87
N PRO C 178 -12.49 -9.67 -26.91
CA PRO C 178 -11.80 -8.39 -27.11
C PRO C 178 -12.78 -7.30 -27.54
N GLY C 179 -12.40 -6.06 -27.26
CA GLY C 179 -13.20 -4.92 -27.61
C GLY C 179 -12.85 -4.33 -28.96
N PRO C 180 -13.65 -3.38 -29.42
CA PRO C 180 -13.36 -2.74 -30.72
C PRO C 180 -12.14 -1.84 -30.65
N GLN C 181 -11.54 -1.59 -31.80
CA GLN C 181 -10.38 -0.73 -31.89
C GLN C 181 -10.77 0.71 -31.62
N PRO C 182 -10.14 1.40 -30.65
CA PRO C 182 -10.51 2.79 -30.37
C PRO C 182 -10.12 3.72 -31.50
N THR C 183 -10.87 4.81 -31.62
CA THR C 183 -10.61 5.83 -32.63
C THR C 183 -11.29 7.13 -32.21
N ALA C 184 -10.52 8.22 -32.20
CA ALA C 184 -11.02 9.53 -31.82
C ALA C 184 -10.97 10.47 -33.02
N GLU C 185 -11.55 11.66 -32.85
CA GLU C 185 -11.63 12.63 -33.92
C GLU C 185 -11.87 14.02 -33.34
N THR C 186 -11.17 15.01 -33.90
CA THR C 186 -11.35 16.41 -33.51
C THR C 186 -10.77 17.29 -34.60
N THR C 187 -11.56 18.25 -35.07
CA THR C 187 -11.15 19.17 -36.12
C THR C 187 -11.04 20.61 -35.65
N ARG C 188 -11.18 20.87 -34.36
CA ARG C 188 -11.11 22.23 -33.85
C ARG C 188 -9.67 22.74 -33.89
N GLN C 189 -9.53 24.06 -33.76
CA GLN C 189 -8.22 24.69 -33.76
C GLN C 189 -7.86 25.19 -32.37
N LEU C 197 -7.00 22.80 -38.45
CA LEU C 197 -6.36 21.51 -38.62
C LEU C 197 -7.34 20.36 -38.36
N HIS C 198 -6.90 19.14 -38.64
CA HIS C 198 -7.74 17.96 -38.46
C HIS C 198 -6.83 16.78 -38.18
N LEU C 199 -7.07 16.08 -37.06
CA LEU C 199 -6.23 14.98 -36.63
C LEU C 199 -7.10 13.82 -36.17
N GLU C 200 -6.54 12.61 -36.28
CA GLU C 200 -7.22 11.40 -35.83
C GLU C 200 -6.19 10.47 -35.19
N ALA C 201 -6.67 9.66 -34.25
CA ALA C 201 -5.82 8.73 -33.52
C ALA C 201 -6.52 7.39 -33.39
N SER C 202 -5.72 6.34 -33.19
CA SER C 202 -6.25 4.98 -33.06
C SER C 202 -5.25 4.13 -32.29
N LEU C 203 -5.74 2.99 -31.80
CA LEU C 203 -4.93 2.03 -31.07
C LEU C 203 -5.06 0.66 -31.71
N ASP C 204 -4.05 -0.19 -31.47
CA ASP C 204 -4.04 -1.53 -32.04
C ASP C 204 -5.19 -2.37 -31.50
N LYS C 205 -5.42 -2.31 -30.19
CA LYS C 205 -6.49 -3.08 -29.56
C LYS C 205 -6.85 -2.42 -28.24
N GLU C 206 -8.00 -2.82 -27.70
CA GLU C 206 -8.49 -2.25 -26.44
C GLU C 206 -7.99 -3.02 -25.23
N ILE C 207 -7.88 -4.34 -25.33
CA ILE C 207 -7.49 -5.16 -24.19
C ILE C 207 -5.97 -5.09 -24.03
N TYR C 208 -5.51 -4.49 -22.93
CA TYR C 208 -4.10 -4.37 -22.61
C TYR C 208 -3.84 -5.00 -21.26
N TYR C 209 -2.76 -5.75 -21.15
CA TYR C 209 -2.31 -6.30 -19.88
C TYR C 209 -1.21 -5.42 -19.30
N HIS C 210 -1.02 -5.53 -17.98
CA HIS C 210 -0.04 -4.70 -17.30
C HIS C 210 1.36 -4.99 -17.82
N GLY C 211 2.11 -3.93 -18.13
CA GLY C 211 3.44 -4.05 -18.69
C GLY C 211 3.49 -4.10 -20.20
N GLU C 212 2.36 -4.29 -20.87
CA GLU C 212 2.34 -4.35 -22.32
C GLU C 212 2.47 -2.94 -22.91
N PRO C 213 3.32 -2.75 -23.91
CA PRO C 213 3.44 -1.43 -24.54
C PRO C 213 2.17 -1.07 -25.30
N ILE C 214 1.95 0.23 -25.45
CA ILE C 214 0.77 0.78 -26.11
C ILE C 214 1.21 1.42 -27.42
N SER C 215 0.57 1.02 -28.51
CA SER C 215 0.86 1.55 -29.83
C SER C 215 -0.25 2.50 -30.25
N VAL C 216 0.14 3.72 -30.65
CA VAL C 216 -0.80 4.77 -31.02
C VAL C 216 -0.41 5.33 -32.37
N ASN C 217 -1.42 5.61 -33.20
CA ASN C 217 -1.22 6.25 -34.50
C ASN C 217 -1.61 7.71 -34.38
N VAL C 218 -0.72 8.60 -34.79
CA VAL C 218 -0.89 10.04 -34.57
C VAL C 218 -0.93 10.74 -35.92
N HIS C 219 -1.53 10.09 -36.91
CA HIS C 219 -1.68 10.66 -38.25
C HIS C 219 -2.44 11.98 -38.15
N VAL C 220 -1.77 13.08 -38.50
CA VAL C 220 -2.37 14.40 -38.48
C VAL C 220 -2.51 14.91 -39.91
N THR C 221 -3.51 15.73 -40.17
CA THR C 221 -3.78 16.30 -41.49
C THR C 221 -3.83 17.82 -41.42
N ASN C 222 -2.83 18.43 -40.77
CA ASN C 222 -2.79 19.87 -40.61
C ASN C 222 -2.80 20.57 -41.97
N ASN C 223 -3.54 21.66 -42.06
CA ASN C 223 -3.75 22.37 -43.31
C ASN C 223 -3.05 23.73 -43.38
N THR C 224 -3.05 24.49 -42.29
CA THR C 224 -2.54 25.86 -42.34
C THR C 224 -2.27 26.44 -40.96
N ASN C 225 -2.01 27.75 -40.91
CA ASN C 225 -1.90 28.56 -39.70
C ASN C 225 -0.56 28.37 -39.00
N LYS C 226 -0.37 27.25 -38.32
CA LYS C 226 0.82 27.05 -37.51
C LYS C 226 1.42 25.67 -37.76
N THR C 227 2.75 25.61 -37.70
CA THR C 227 3.47 24.34 -37.78
C THR C 227 3.80 23.84 -36.37
N VAL C 228 3.01 22.86 -35.94
CA VAL C 228 3.17 22.23 -34.63
C VAL C 228 4.54 21.57 -34.56
N LYS C 229 5.29 21.87 -33.49
CA LYS C 229 6.68 21.42 -33.37
C LYS C 229 6.86 20.26 -32.41
N LYS C 230 5.79 19.75 -31.79
CA LYS C 230 5.93 18.67 -30.83
C LYS C 230 4.64 17.85 -30.81
N ILE C 231 4.77 16.59 -30.41
CA ILE C 231 3.64 15.68 -30.27
C ILE C 231 3.65 15.06 -28.88
N LYS C 232 2.82 15.58 -27.97
CA LYS C 232 2.77 15.06 -26.62
C LYS C 232 1.76 13.93 -26.53
N ILE C 233 2.22 12.72 -26.26
CA ILE C 233 1.38 11.55 -26.09
C ILE C 233 1.53 11.07 -24.65
N SER C 234 0.43 11.08 -23.91
CA SER C 234 0.44 10.74 -22.50
C SER C 234 -0.67 9.77 -22.17
N VAL C 235 -0.41 8.88 -21.21
CA VAL C 235 -1.39 7.91 -20.74
C VAL C 235 -1.79 8.31 -19.32
N ARG C 236 -3.09 8.49 -19.09
CA ARG C 236 -3.60 8.91 -17.79
C ARG C 236 -4.76 8.02 -17.38
N GLN C 237 -4.89 7.77 -16.09
CA GLN C 237 -6.02 7.05 -15.54
C GLN C 237 -6.86 7.97 -14.65
N TYR C 238 -8.15 7.68 -14.57
CA TYR C 238 -9.09 8.50 -13.82
C TYR C 238 -9.33 7.88 -12.45
N ALA C 239 -8.98 8.61 -11.41
CA ALA C 239 -9.23 8.20 -10.03
C ALA C 239 -10.54 8.81 -9.56
N ASP C 240 -11.65 8.19 -9.96
CA ASP C 240 -12.98 8.71 -9.66
C ASP C 240 -13.39 8.39 -8.23
N ILE C 241 -12.77 9.08 -7.27
CA ILE C 241 -13.18 8.96 -5.87
C ILE C 241 -14.57 9.54 -5.73
N VAL C 242 -15.55 8.68 -5.42
CA VAL C 242 -16.94 9.11 -5.36
C VAL C 242 -17.44 8.98 -3.92
N LEU C 243 -16.53 9.20 -2.97
CA LEU C 243 -16.85 9.13 -1.55
C LEU C 243 -18.08 9.97 -1.23
N PHE C 244 -18.02 11.28 -1.45
CA PHE C 244 -19.18 12.12 -1.27
C PHE C 244 -19.62 12.87 -2.53
N ASN C 245 -18.76 13.69 -3.13
CA ASN C 245 -19.23 14.52 -4.24
C ASN C 245 -18.92 13.96 -5.63
N THR C 246 -17.63 13.90 -6.00
CA THR C 246 -17.17 13.50 -7.34
C THR C 246 -15.65 13.55 -7.37
N ALA C 247 -15.03 12.93 -8.38
CA ALA C 247 -13.61 13.12 -8.64
C ALA C 247 -13.26 12.74 -10.08
N GLN C 248 -12.33 13.48 -10.69
CA GLN C 248 -11.89 13.21 -12.05
C GLN C 248 -10.37 13.37 -12.17
N TYR C 249 -9.64 12.94 -11.14
CA TYR C 249 -8.21 13.20 -11.04
C TYR C 249 -7.44 12.62 -12.21
N LYS C 250 -6.39 13.34 -12.61
CA LYS C 250 -5.56 12.99 -13.76
C LYS C 250 -4.15 12.69 -13.29
N VAL C 251 -3.63 11.53 -13.68
CA VAL C 251 -2.23 11.19 -13.37
C VAL C 251 -1.53 10.67 -14.62
N PRO C 252 -0.49 11.33 -15.10
CA PRO C 252 0.23 10.84 -16.29
C PRO C 252 1.19 9.72 -15.97
N VAL C 253 0.71 8.48 -15.93
CA VAL C 253 1.56 7.35 -15.59
C VAL C 253 2.70 7.20 -16.61
N ALA C 254 2.38 7.34 -17.90
CA ALA C 254 3.38 7.27 -18.96
C ALA C 254 3.14 8.41 -19.94
N MET C 255 4.24 8.88 -20.54
CA MET C 255 4.17 9.99 -21.48
C MET C 255 5.47 9.98 -22.30
N GLU C 256 5.51 10.83 -23.31
CA GLU C 256 6.68 10.99 -24.16
C GLU C 256 6.67 12.40 -24.73
N GLU C 257 7.83 12.84 -25.21
CA GLU C 257 8.00 14.22 -25.68
C GLU C 257 8.70 14.27 -27.03
N ALA C 258 8.25 13.47 -28.01
CA ALA C 258 8.84 13.48 -29.34
C ALA C 258 8.80 14.87 -29.95
N ASP C 259 9.92 15.32 -30.50
CA ASP C 259 10.07 16.69 -31.00
C ASP C 259 9.84 16.80 -32.50
N ASP C 260 9.13 15.86 -33.12
CA ASP C 260 8.82 15.94 -34.54
C ASP C 260 7.91 17.13 -34.81
N THR C 261 8.04 17.73 -35.99
CA THR C 261 7.25 18.92 -36.35
C THR C 261 6.51 18.63 -37.65
N VAL C 262 5.22 18.98 -37.68
CA VAL C 262 4.43 18.90 -38.89
C VAL C 262 4.73 20.13 -39.76
N ALA C 263 4.30 20.11 -41.01
CA ALA C 263 4.52 21.18 -41.96
C ALA C 263 3.20 21.80 -42.37
N PRO C 264 3.20 23.09 -42.71
CA PRO C 264 1.97 23.73 -43.20
C PRO C 264 1.52 23.16 -44.54
N SER C 265 0.23 22.79 -44.63
CA SER C 265 -0.33 22.19 -45.82
C SER C 265 0.39 20.90 -46.19
N SER C 266 0.49 19.98 -45.25
CA SER C 266 1.16 18.71 -45.48
C SER C 266 0.59 17.63 -44.57
N THR C 267 0.79 16.37 -44.93
CA THR C 267 0.33 15.23 -44.14
C THR C 267 1.48 14.68 -43.31
N PHE C 268 1.12 13.96 -42.25
CA PHE C 268 2.11 13.40 -41.35
C PHE C 268 1.51 12.16 -40.67
N SER C 269 2.39 11.24 -40.28
CA SER C 269 1.99 10.04 -39.57
C SER C 269 3.17 9.60 -38.70
N LYS C 270 2.87 8.85 -37.63
CA LYS C 270 3.90 8.37 -36.72
C LYS C 270 3.35 7.28 -35.82
N VAL C 271 4.23 6.42 -35.30
CA VAL C 271 3.85 5.41 -34.32
C VAL C 271 4.60 5.68 -33.03
N TYR C 272 4.14 5.08 -31.93
CA TYR C 272 4.78 5.28 -30.64
C TYR C 272 4.54 4.07 -29.74
N THR C 273 5.39 3.88 -28.73
CA THR C 273 5.31 2.75 -27.82
C THR C 273 5.46 3.25 -26.39
N LEU C 274 4.34 3.52 -25.74
CA LEU C 274 4.36 3.90 -24.33
C LEU C 274 3.98 2.72 -23.45
N THR C 275 4.74 2.55 -22.37
CA THR C 275 4.51 1.47 -21.42
C THR C 275 4.32 2.06 -20.03
N PRO C 276 3.14 1.90 -19.41
CA PRO C 276 2.94 2.40 -18.04
C PRO C 276 3.51 1.41 -17.03
N PHE C 277 4.52 1.85 -16.29
CA PHE C 277 5.14 1.01 -15.26
C PHE C 277 5.31 1.87 -14.00
N LEU C 278 5.95 1.29 -12.99
CA LEU C 278 6.03 1.90 -11.67
C LEU C 278 7.44 2.35 -11.30
N ALA C 279 8.44 2.03 -12.12
CA ALA C 279 9.83 2.38 -11.77
C ALA C 279 10.02 3.88 -11.67
N ASN C 280 9.44 4.64 -12.60
CA ASN C 280 9.58 6.09 -12.62
C ASN C 280 8.41 6.80 -11.95
N ASN C 281 7.45 6.07 -11.38
CA ASN C 281 6.28 6.66 -10.74
C ASN C 281 6.33 6.58 -9.23
N ARG C 282 7.51 6.32 -8.66
CA ARG C 282 7.63 6.21 -7.21
C ARG C 282 7.34 7.54 -6.51
N GLU C 283 7.84 8.64 -7.08
CA GLU C 283 7.70 9.95 -6.46
C GLU C 283 6.33 10.58 -6.67
N LYS C 284 5.50 10.01 -7.54
CA LYS C 284 4.19 10.59 -7.81
C LYS C 284 3.25 10.39 -6.62
N ARG C 285 2.25 11.26 -6.54
CA ARG C 285 1.28 11.23 -5.46
C ARG C 285 -0.12 11.07 -6.05
N GLY C 286 -0.98 10.37 -5.31
CA GLY C 286 -2.33 10.09 -5.76
C GLY C 286 -2.46 8.95 -6.73
N LEU C 287 -1.37 8.25 -7.06
CA LEU C 287 -1.43 7.14 -7.97
C LEU C 287 -2.23 5.99 -7.36
N ALA C 288 -3.05 5.35 -8.17
CA ALA C 288 -3.90 4.24 -7.73
C ALA C 288 -3.22 2.92 -8.09
N LEU C 289 -3.14 2.02 -7.12
CA LEU C 289 -2.51 0.72 -7.28
C LEU C 289 -3.55 -0.39 -7.10
N ASP C 290 -3.08 -1.62 -7.21
CA ASP C 290 -3.94 -2.79 -7.07
C ASP C 290 -4.18 -3.04 -5.59
N GLY C 291 -4.93 -4.10 -5.26
CA GLY C 291 -5.22 -4.40 -3.87
C GLY C 291 -3.96 -4.74 -3.08
N LYS C 292 -4.02 -4.42 -1.79
CA LYS C 292 -2.88 -4.58 -0.90
C LYS C 292 -3.24 -5.50 0.25
N LEU C 293 -2.29 -6.35 0.61
CA LEU C 293 -2.41 -7.24 1.77
C LEU C 293 -1.43 -6.91 2.88
N LYS C 294 -0.29 -6.30 2.55
CA LYS C 294 0.71 -5.90 3.52
C LYS C 294 1.42 -4.66 2.97
N HIS C 295 2.58 -4.34 3.54
CA HIS C 295 3.38 -3.22 3.05
C HIS C 295 4.07 -3.50 1.73
N GLU C 296 3.89 -4.70 1.17
CA GLU C 296 4.48 -5.05 -0.12
C GLU C 296 3.87 -4.21 -1.24
N ASP C 297 4.68 -3.93 -2.25
CA ASP C 297 4.27 -3.11 -3.38
C ASP C 297 3.58 -3.96 -4.45
N THR C 298 2.68 -3.32 -5.19
CA THR C 298 1.92 -3.97 -6.24
C THR C 298 2.04 -3.14 -7.51
N ASN C 299 1.25 -3.51 -8.52
CA ASN C 299 1.28 -2.83 -9.81
C ASN C 299 0.23 -1.72 -9.84
N LEU C 300 -0.02 -1.16 -11.01
CA LEU C 300 -1.01 -0.11 -11.15
C LEU C 300 -2.41 -0.68 -10.97
N ALA C 301 -3.35 0.21 -10.62
CA ALA C 301 -4.72 -0.21 -10.36
C ALA C 301 -5.37 -0.72 -11.64
N SER C 302 -6.04 -1.86 -11.52
CA SER C 302 -6.78 -2.42 -12.65
C SER C 302 -8.00 -1.56 -12.97
N SER C 303 -8.32 -1.47 -14.26
CA SER C 303 -9.49 -0.70 -14.69
C SER C 303 -10.76 -1.38 -14.19
N THR C 304 -11.68 -0.57 -13.66
CA THR C 304 -12.94 -1.08 -13.12
C THR C 304 -14.02 -0.99 -14.17
N LEU C 305 -14.71 -2.11 -14.41
CA LEU C 305 -15.79 -2.17 -15.39
C LEU C 305 -17.12 -2.21 -14.65
N LEU C 306 -17.94 -1.18 -14.84
CA LEU C 306 -19.24 -1.10 -14.21
C LEU C 306 -20.29 -1.74 -15.12
N ARG C 307 -21.56 -1.55 -14.79
CA ARG C 307 -22.67 -2.08 -15.58
C ARG C 307 -23.27 -0.97 -16.42
N GLU C 308 -23.37 -1.20 -17.74
CA GLU C 308 -23.94 -0.20 -18.63
C GLU C 308 -25.40 0.06 -18.30
N GLY C 309 -26.17 -0.99 -18.04
CA GLY C 309 -27.58 -0.83 -17.74
C GLY C 309 -27.90 -0.34 -16.35
N ALA C 310 -26.92 -0.31 -15.45
CA ALA C 310 -27.14 0.14 -14.08
C ALA C 310 -25.86 0.77 -13.57
N ASN C 311 -25.86 2.10 -13.46
CA ASN C 311 -24.71 2.86 -12.95
C ASN C 311 -25.23 3.80 -11.86
N ARG C 312 -25.30 3.30 -10.64
CA ARG C 312 -25.75 4.06 -9.50
C ARG C 312 -24.55 4.61 -8.73
N GLU C 313 -24.81 5.19 -7.56
CA GLU C 313 -23.72 5.71 -6.73
C GLU C 313 -22.88 4.55 -6.19
N ILE C 314 -21.57 4.65 -6.36
CA ILE C 314 -20.69 3.55 -5.95
C ILE C 314 -20.20 3.75 -4.52
N LEU C 315 -19.92 4.99 -4.12
CA LEU C 315 -19.34 5.32 -2.81
C LEU C 315 -17.97 4.67 -2.62
N GLY C 316 -17.28 4.35 -3.71
CA GLY C 316 -15.97 3.74 -3.68
C GLY C 316 -15.00 4.51 -4.55
N ILE C 317 -14.17 3.76 -5.27
CA ILE C 317 -13.21 4.32 -6.22
C ILE C 317 -13.39 3.62 -7.55
N ILE C 318 -13.50 4.39 -8.63
CA ILE C 318 -13.61 3.87 -9.99
C ILE C 318 -12.38 4.30 -10.76
N VAL C 319 -11.69 3.32 -11.37
CA VAL C 319 -10.47 3.57 -12.12
C VAL C 319 -10.72 3.23 -13.58
N SER C 320 -10.50 4.22 -14.45
CA SER C 320 -10.61 4.04 -15.90
C SER C 320 -9.37 4.62 -16.56
N TYR C 321 -8.95 3.98 -17.64
CA TYR C 321 -7.70 4.29 -18.32
C TYR C 321 -7.98 5.03 -19.62
N LYS C 322 -7.21 6.07 -19.89
CA LYS C 322 -7.39 6.90 -21.07
C LYS C 322 -6.03 7.28 -21.66
N VAL C 323 -5.93 7.25 -22.98
CA VAL C 323 -4.72 7.64 -23.70
C VAL C 323 -5.05 8.84 -24.57
N LYS C 324 -4.17 9.84 -24.56
CA LYS C 324 -4.41 11.09 -25.26
C LYS C 324 -3.16 11.53 -26.02
N VAL C 325 -3.37 12.33 -27.07
CA VAL C 325 -2.30 12.97 -27.81
C VAL C 325 -2.60 14.47 -27.86
N LYS C 326 -1.55 15.29 -27.70
CA LYS C 326 -1.71 16.73 -27.62
C LYS C 326 -0.87 17.40 -28.70
N LEU C 327 -1.48 18.33 -29.42
CA LEU C 327 -0.82 19.07 -30.49
C LEU C 327 -0.54 20.49 -30.00
N VAL C 328 0.74 20.85 -29.91
CA VAL C 328 1.12 22.16 -29.38
C VAL C 328 1.70 23.09 -30.45
N ASP C 342 -4.15 24.82 -27.84
CA ASP C 342 -3.82 23.45 -28.25
C ASP C 342 -5.07 22.59 -28.40
N VAL C 343 -4.93 21.44 -29.05
CA VAL C 343 -6.03 20.51 -29.26
C VAL C 343 -5.58 19.12 -28.81
N ALA C 344 -6.57 18.31 -28.44
CA ALA C 344 -6.30 16.96 -27.96
C ALA C 344 -7.53 16.09 -28.17
N VAL C 345 -7.32 14.77 -28.11
CA VAL C 345 -8.38 13.79 -28.23
C VAL C 345 -8.22 12.77 -27.12
N GLU C 346 -9.30 12.02 -26.86
CA GLU C 346 -9.31 10.98 -25.84
C GLU C 346 -9.69 9.66 -26.48
N LEU C 347 -8.95 8.60 -26.12
CA LEU C 347 -9.17 7.27 -26.69
C LEU C 347 -9.31 6.27 -25.56
N PRO C 348 -10.45 5.61 -25.40
CA PRO C 348 -10.60 4.65 -24.30
C PRO C 348 -9.73 3.42 -24.48
N PHE C 349 -9.31 2.85 -23.35
CA PHE C 349 -8.58 1.59 -23.32
C PHE C 349 -8.58 1.09 -21.89
N THR C 350 -8.36 -0.21 -21.73
CA THR C 350 -8.34 -0.86 -20.43
C THR C 350 -6.98 -1.50 -20.17
N LEU C 351 -6.60 -1.56 -18.90
CA LEU C 351 -5.31 -2.10 -18.47
C LEU C 351 -5.53 -2.91 -17.21
N MET C 352 -5.67 -4.23 -17.36
CA MET C 352 -5.88 -5.11 -16.21
C MET C 352 -5.47 -6.53 -16.59
N HIS C 353 -5.18 -7.31 -15.55
CA HIS C 353 -4.61 -8.63 -15.74
C HIS C 353 -5.64 -9.61 -16.30
N PRO C 354 -5.20 -10.65 -16.99
CA PRO C 354 -6.11 -11.73 -17.40
C PRO C 354 -6.34 -12.70 -16.25
N LYS C 355 -7.06 -13.77 -16.55
CA LYS C 355 -7.36 -14.79 -15.55
C LYS C 355 -6.11 -15.55 -15.16
N PRO C 356 -5.75 -15.63 -13.88
CA PRO C 356 -4.56 -16.37 -13.48
C PRO C 356 -4.70 -17.86 -13.77
N LYS C 357 -3.57 -18.50 -14.07
CA LYS C 357 -3.59 -19.92 -14.42
C LYS C 357 -4.01 -20.78 -13.23
N GLU C 358 -3.33 -20.62 -12.08
CA GLU C 358 -3.64 -21.42 -10.91
C GLU C 358 -4.15 -20.58 -9.75
N GLU C 359 -3.37 -19.61 -9.28
CA GLU C 359 -3.75 -18.78 -8.13
C GLU C 359 -2.73 -17.65 -7.94
N PRO C 360 -3.18 -16.49 -7.45
CA PRO C 360 -2.24 -15.41 -7.15
C PRO C 360 -1.75 -15.49 -5.72
N PRO C 361 -0.43 -15.50 -5.51
CA PRO C 361 0.08 -15.40 -4.13
C PRO C 361 -0.17 -14.04 -3.49
N HIS C 362 -0.45 -13.01 -4.28
CA HIS C 362 -0.67 -11.65 -3.79
C HIS C 362 0.50 -11.14 -2.95
N ARG C 363 1.72 -11.44 -3.40
CA ARG C 363 2.94 -11.02 -2.72
C ARG C 363 4.10 -11.19 -3.69
N GLU C 364 5.04 -10.24 -3.67
CA GLU C 364 6.23 -10.39 -4.50
C GLU C 364 6.96 -11.69 -4.13
N VAL C 365 7.10 -12.56 -5.14
CA VAL C 365 7.50 -13.94 -4.87
C VAL C 365 8.91 -14.03 -4.31
N PRO C 366 9.95 -13.40 -4.91
CA PRO C 366 11.29 -13.48 -4.30
C PRO C 366 11.48 -12.41 -3.22
N GLU C 367 10.95 -12.68 -2.03
CA GLU C 367 10.98 -11.75 -0.93
C GLU C 367 12.29 -11.86 -0.16
N ASN C 368 12.52 -10.90 0.73
CA ASN C 368 13.69 -10.87 1.61
C ASN C 368 15.00 -10.94 0.82
N VAL D 2 6.33 -21.61 22.23
CA VAL D 2 6.26 -21.60 20.77
C VAL D 2 7.38 -22.44 20.19
N GLN D 3 8.36 -22.80 21.03
CA GLN D 3 9.46 -23.63 20.58
C GLN D 3 8.98 -25.02 20.17
N LEU D 4 8.01 -25.58 20.92
CA LEU D 4 7.44 -26.90 20.65
C LEU D 4 8.55 -27.97 20.64
N GLN D 5 9.17 -28.14 21.80
CA GLN D 5 10.18 -29.17 21.98
C GLN D 5 9.53 -30.41 22.60
N GLU D 6 9.77 -31.57 21.99
CA GLU D 6 9.17 -32.80 22.46
C GLU D 6 10.09 -33.97 22.13
N SER D 7 9.91 -35.06 22.88
CA SER D 7 10.71 -36.25 22.72
C SER D 7 9.95 -37.43 23.30
N GLY D 8 10.39 -38.64 22.95
CA GLY D 8 9.76 -39.84 23.44
C GLY D 8 9.66 -40.94 22.41
N GLY D 9 10.02 -40.64 21.16
CA GLY D 9 9.98 -41.64 20.12
C GLY D 9 10.98 -42.76 20.35
N GLY D 10 10.61 -43.96 19.91
CA GLY D 10 11.48 -45.11 20.09
C GLY D 10 10.84 -46.34 19.51
N LEU D 11 11.57 -47.45 19.60
CA LEU D 11 11.12 -48.75 19.10
C LEU D 11 10.66 -49.60 20.26
N VAL D 12 9.42 -50.09 20.17
CA VAL D 12 8.81 -50.92 21.20
C VAL D 12 8.24 -52.16 20.55
N GLN D 13 8.33 -53.28 21.26
CA GLN D 13 7.82 -54.54 20.73
C GLN D 13 6.29 -54.54 20.68
N ALA D 14 5.65 -54.44 21.85
CA ALA D 14 4.19 -54.41 21.92
C ALA D 14 3.77 -54.02 23.33
N GLY D 15 2.80 -53.11 23.42
CA GLY D 15 2.19 -52.78 24.69
C GLY D 15 3.01 -51.91 25.61
N GLY D 16 4.12 -51.35 25.14
CA GLY D 16 4.96 -50.53 25.98
C GLY D 16 4.68 -49.04 25.86
N SER D 17 4.39 -48.39 26.97
CA SER D 17 4.14 -46.95 26.97
C SER D 17 5.42 -46.18 26.68
N LEU D 18 5.26 -45.01 26.05
CA LEU D 18 6.39 -44.18 25.68
C LEU D 18 6.50 -42.90 26.50
N ARG D 19 5.39 -42.40 27.04
CA ARG D 19 5.36 -41.21 27.89
C ARG D 19 5.91 -39.99 27.14
N LEU D 20 5.21 -39.59 26.09
CA LEU D 20 5.59 -38.42 25.33
C LEU D 20 5.35 -37.14 26.15
N SER D 21 6.07 -36.09 25.78
CA SER D 21 5.98 -34.81 26.46
C SER D 21 5.72 -33.70 25.46
N CYS D 22 5.39 -32.51 25.98
CA CYS D 22 5.13 -31.33 25.16
C CYS D 22 5.67 -30.12 25.90
N VAL D 23 6.91 -29.74 25.59
CA VAL D 23 7.52 -28.56 26.19
C VAL D 23 7.27 -27.37 25.26
N VAL D 24 6.54 -26.38 25.77
CA VAL D 24 6.19 -25.19 25.01
C VAL D 24 6.54 -23.95 25.83
N SER D 25 7.01 -22.91 25.16
CA SER D 25 7.39 -21.68 25.82
C SER D 25 6.17 -20.77 26.01
N PHE D 29 -1.20 -21.80 29.85
CA PHE D 29 -2.25 -22.45 29.06
C PHE D 29 -3.55 -21.65 29.10
N ASP D 30 -3.74 -20.92 30.20
CA ASP D 30 -4.95 -20.12 30.44
C ASP D 30 -6.15 -21.06 30.40
N THR D 31 -7.12 -20.88 29.51
CA THR D 31 -8.32 -21.72 29.45
C THR D 31 -8.58 -22.19 28.02
N VAL D 32 -7.55 -22.70 27.35
CA VAL D 32 -7.69 -23.23 26.01
C VAL D 32 -7.53 -24.74 26.06
N THR D 33 -7.97 -25.41 25.00
CA THR D 33 -7.91 -26.86 24.90
C THR D 33 -6.92 -27.25 23.81
N MET D 34 -5.96 -28.09 24.16
CA MET D 34 -4.96 -28.58 23.21
C MET D 34 -4.83 -30.09 23.34
N ALA D 35 -4.54 -30.74 22.20
CA ALA D 35 -4.49 -32.19 22.14
C ALA D 35 -3.25 -32.68 21.40
N TRP D 36 -3.21 -33.97 21.11
CA TRP D 36 -2.09 -34.59 20.39
C TRP D 36 -2.56 -35.05 19.02
N TYR D 37 -1.77 -34.76 18.00
CA TYR D 37 -2.08 -35.13 16.62
C TYR D 37 -1.12 -36.20 16.14
N ARG D 38 -1.66 -37.25 15.54
CA ARG D 38 -0.85 -38.30 14.94
C ARG D 38 -0.90 -38.20 13.42
N ARG D 39 0.19 -38.63 12.78
CA ARG D 39 0.32 -38.59 11.34
C ARG D 39 0.86 -39.93 10.85
N ALA D 40 -0.01 -40.71 10.21
CA ALA D 40 0.41 -41.98 9.65
C ALA D 40 1.36 -41.75 8.48
N PRO D 41 2.30 -42.67 8.23
CA PRO D 41 3.23 -42.50 7.11
C PRO D 41 2.47 -42.49 5.79
N GLY D 42 2.69 -41.43 5.01
CA GLY D 42 2.01 -41.27 3.74
C GLY D 42 0.57 -40.81 3.84
N LYS D 43 0.12 -40.38 5.02
CA LYS D 43 -1.25 -39.95 5.20
C LYS D 43 -1.31 -38.54 5.80
N HIS D 44 -2.51 -38.09 6.15
CA HIS D 44 -2.71 -36.76 6.69
C HIS D 44 -2.57 -36.78 8.21
N ARG D 45 -2.99 -35.69 8.86
CA ARG D 45 -2.85 -35.51 10.30
C ARG D 45 -4.23 -35.64 10.94
N GLU D 46 -4.36 -36.55 11.89
CA GLU D 46 -5.63 -36.81 12.55
C GLU D 46 -5.58 -36.31 14.00
N LEU D 47 -6.66 -36.57 14.73
CA LEU D 47 -6.79 -36.17 16.13
C LEU D 47 -6.88 -37.42 17.01
N VAL D 48 -6.36 -37.32 18.22
CA VAL D 48 -6.31 -38.46 19.13
C VAL D 48 -7.19 -38.22 20.35
N ALA D 49 -6.89 -37.18 21.11
CA ALA D 49 -7.58 -36.88 22.37
C ALA D 49 -8.09 -35.44 22.35
N SER D 50 -8.55 -34.98 23.50
CA SER D 50 -8.99 -33.59 23.66
C SER D 50 -8.14 -32.83 24.67
N ALA D 51 -8.01 -33.35 25.90
CA ALA D 51 -7.21 -32.74 26.96
C ALA D 51 -7.59 -31.28 27.18
N THR D 52 -8.83 -31.07 27.62
CA THR D 52 -9.32 -29.73 27.89
C THR D 52 -8.73 -29.22 29.21
N ALA D 53 -8.99 -27.94 29.51
CA ALA D 53 -8.46 -27.33 30.73
C ALA D 53 -9.04 -28.01 31.96
N GLY D 54 -10.34 -28.26 31.97
CA GLY D 54 -10.99 -28.97 33.06
C GLY D 54 -10.92 -30.47 32.85
N GLY D 55 -11.80 -31.18 33.56
CA GLY D 55 -11.88 -32.61 33.35
C GLY D 55 -12.93 -32.99 32.34
N THR D 56 -12.52 -33.15 31.08
CA THR D 56 -13.40 -33.63 30.02
C THR D 56 -12.52 -34.19 28.91
N THR D 57 -12.42 -35.51 28.86
CA THR D 57 -11.54 -36.18 27.89
C THR D 57 -12.39 -36.99 26.93
N THR D 58 -12.27 -36.70 25.65
CA THR D 58 -12.89 -37.50 24.59
C THR D 58 -11.80 -37.96 23.62
N TYR D 59 -11.91 -39.21 23.18
CA TYR D 59 -10.90 -39.84 22.36
C TYR D 59 -11.45 -40.10 20.95
N ALA D 60 -10.59 -40.65 20.10
CA ALA D 60 -10.99 -40.96 18.73
C ALA D 60 -11.68 -42.31 18.67
N ASP D 61 -11.96 -42.78 17.45
CA ASP D 61 -12.64 -44.06 17.28
C ASP D 61 -11.79 -45.22 17.80
N SER D 62 -10.49 -45.20 17.52
CA SER D 62 -9.58 -46.26 17.94
C SER D 62 -8.73 -45.86 19.15
N VAL D 63 -9.17 -44.85 19.91
CA VAL D 63 -8.42 -44.39 21.07
C VAL D 63 -9.18 -44.52 22.38
N LYS D 64 -10.51 -44.52 22.36
CA LYS D 64 -11.27 -44.65 23.59
C LYS D 64 -10.97 -45.98 24.28
N ASP D 65 -10.72 -45.91 25.59
CA ASP D 65 -10.34 -47.07 26.41
C ASP D 65 -9.05 -47.72 25.90
N ARG D 66 -8.26 -47.00 25.11
CA ARG D 66 -7.03 -47.53 24.54
C ARG D 66 -5.81 -46.72 24.96
N PHE D 67 -5.87 -45.40 24.87
CA PHE D 67 -4.79 -44.51 25.27
C PHE D 67 -5.21 -43.68 26.48
N THR D 68 -4.34 -42.76 26.89
CA THR D 68 -4.63 -41.85 27.99
C THR D 68 -3.80 -40.59 27.79
N ILE D 69 -4.34 -39.46 28.24
CA ILE D 69 -3.71 -38.16 28.08
C ILE D 69 -3.82 -37.38 29.40
N SER D 70 -2.76 -36.67 29.74
CA SER D 70 -2.73 -35.84 30.93
C SER D 70 -1.90 -34.59 30.68
N ARG D 71 -2.24 -33.51 31.37
CA ARG D 71 -1.53 -32.25 31.25
C ARG D 71 -1.29 -31.67 32.64
N ASP D 72 -0.12 -31.05 32.82
CA ASP D 72 0.25 -30.45 34.09
C ASP D 72 0.75 -29.02 33.84
N ASN D 73 0.23 -28.07 34.61
CA ASN D 73 0.63 -26.68 34.48
C ASN D 73 1.91 -26.37 35.26
N ALA D 74 2.34 -27.26 36.16
CA ALA D 74 3.56 -27.00 36.92
C ALA D 74 4.78 -26.97 36.01
N LYS D 75 4.89 -27.94 35.11
CA LYS D 75 5.97 -28.00 34.14
C LYS D 75 5.62 -27.39 32.81
N ASN D 76 4.39 -26.88 32.65
CA ASN D 76 3.92 -26.29 31.39
C ASN D 76 4.05 -27.31 30.27
N THR D 77 3.66 -28.55 30.54
CA THR D 77 3.80 -29.66 29.59
C THR D 77 2.49 -30.43 29.49
N VAL D 78 2.42 -31.28 28.47
CA VAL D 78 1.30 -32.19 28.24
C VAL D 78 1.85 -33.58 28.02
N TYR D 79 1.31 -34.56 28.73
CA TYR D 79 1.77 -35.94 28.67
C TYR D 79 0.74 -36.82 27.98
N LEU D 80 1.21 -37.98 27.53
CA LEU D 80 0.34 -38.96 26.88
C LEU D 80 1.04 -40.31 26.92
N GLN D 81 0.25 -41.36 27.19
CA GLN D 81 0.78 -42.72 27.32
C GLN D 81 -0.03 -43.68 26.47
N MET D 82 0.62 -44.76 26.03
CA MET D 82 -0.01 -45.78 25.19
C MET D 82 -0.13 -47.08 25.98
N ASN D 83 -1.28 -47.73 25.85
CA ASN D 83 -1.51 -49.06 26.39
C ASN D 83 -1.97 -49.99 25.27
N SER D 84 -1.40 -51.19 25.23
CA SER D 84 -1.77 -52.23 24.26
C SER D 84 -1.63 -51.71 22.82
N LEU D 85 -0.39 -51.42 22.44
CA LEU D 85 -0.10 -50.84 21.14
C LEU D 85 -0.25 -51.89 20.05
N LYS D 86 -1.18 -51.67 19.13
CA LYS D 86 -1.32 -52.53 17.97
C LYS D 86 -0.24 -52.17 16.94
N PRO D 87 0.14 -53.12 16.08
CA PRO D 87 1.17 -52.84 15.08
C PRO D 87 0.74 -51.83 14.02
N GLU D 88 -0.54 -51.45 13.96
CA GLU D 88 -1.03 -50.51 12.97
C GLU D 88 -0.97 -49.07 13.43
N ASP D 89 -0.41 -48.80 14.62
CA ASP D 89 -0.31 -47.44 15.15
C ASP D 89 1.07 -46.84 14.98
N THR D 90 1.87 -47.36 14.05
CA THR D 90 3.20 -46.82 13.79
C THR D 90 3.06 -45.48 13.07
N ALA D 91 3.19 -44.39 13.81
CA ALA D 91 3.02 -43.06 13.24
C ALA D 91 3.78 -42.05 14.08
N VAL D 92 4.03 -40.88 13.49
CA VAL D 92 4.69 -39.78 14.17
C VAL D 92 3.63 -38.91 14.83
N TYR D 93 3.90 -38.48 16.05
CA TYR D 93 2.94 -37.72 16.86
C TYR D 93 3.32 -36.25 16.88
N TYR D 94 2.31 -35.38 16.81
CA TYR D 94 2.51 -33.94 16.88
C TYR D 94 1.62 -33.38 17.98
N CYS D 95 2.14 -32.36 18.66
CA CYS D 95 1.47 -31.74 19.79
C CYS D 95 1.14 -30.29 19.44
N ASN D 96 -0.15 -29.94 19.52
CA ASN D 96 -0.59 -28.62 19.14
C ASN D 96 -1.97 -28.37 19.74
N THR D 97 -2.42 -27.11 19.63
CA THR D 97 -3.74 -26.74 20.12
C THR D 97 -4.82 -27.41 19.30
N PHE D 98 -5.94 -27.74 19.96
CA PHE D 98 -7.09 -28.27 19.25
C PHE D 98 -7.60 -27.31 18.19
N VAL D 99 -7.36 -26.01 18.37
CA VAL D 99 -7.69 -24.99 17.38
C VAL D 99 -6.65 -24.94 16.26
N ARG D 100 -5.49 -25.57 16.46
CA ARG D 100 -4.40 -25.58 15.48
C ARG D 100 -3.90 -24.17 15.19
N SER D 101 -3.42 -23.51 16.26
CA SER D 101 -2.88 -22.17 16.16
C SER D 101 -1.37 -22.12 16.16
N LEU D 102 -0.69 -23.13 16.69
CA LEU D 102 0.76 -23.14 16.75
C LEU D 102 1.35 -23.80 15.51
N SER D 103 2.56 -23.37 15.17
CA SER D 103 3.25 -23.94 14.02
C SER D 103 3.60 -25.40 14.26
N TRP D 104 3.51 -26.20 13.20
CA TRP D 104 3.77 -27.63 13.29
C TRP D 104 5.28 -27.86 13.39
N GLY D 105 5.76 -28.16 14.60
CA GLY D 105 7.17 -28.44 14.81
C GLY D 105 7.52 -29.88 14.48
N GLN D 106 8.80 -30.20 14.64
CA GLN D 106 9.28 -31.54 14.37
C GLN D 106 8.69 -32.54 15.37
N GLY D 107 8.22 -33.68 14.87
CA GLY D 107 7.64 -34.71 15.70
C GLY D 107 8.61 -35.84 16.00
N THR D 108 8.13 -36.78 16.81
CA THR D 108 8.89 -37.97 17.19
C THR D 108 8.28 -39.17 16.49
N GLN D 109 9.10 -39.86 15.68
CA GLN D 109 8.64 -41.03 14.95
C GLN D 109 8.51 -42.20 15.92
N VAL D 110 7.27 -42.58 16.24
CA VAL D 110 6.99 -43.68 17.15
C VAL D 110 6.61 -44.89 16.31
N THR D 111 7.38 -45.97 16.44
CA THR D 111 7.14 -47.21 15.71
C THR D 111 7.04 -48.38 16.67
N VAL D 112 6.22 -49.35 16.32
CA VAL D 112 6.01 -50.54 17.13
C VAL D 112 6.10 -51.77 16.22
N SER D 113 6.61 -52.87 16.79
CA SER D 113 6.76 -54.10 16.04
C SER D 113 5.78 -55.17 16.51
N ASP E 2 20.86 -19.21 4.61
CA ASP E 2 19.95 -19.38 3.48
C ASP E 2 19.26 -20.75 3.52
N ILE E 3 18.82 -21.22 2.36
CA ILE E 3 18.13 -22.50 2.23
C ILE E 3 19.02 -23.44 1.43
N GLN E 4 19.27 -24.62 1.99
CA GLN E 4 20.10 -25.64 1.35
C GLN E 4 19.24 -26.85 1.03
N MET E 5 19.35 -27.33 -0.21
CA MET E 5 18.56 -28.47 -0.68
C MET E 5 19.47 -29.65 -0.97
N THR E 6 19.06 -30.83 -0.50
CA THR E 6 19.79 -32.08 -0.71
C THR E 6 18.84 -33.09 -1.34
N GLN E 7 19.29 -33.73 -2.42
CA GLN E 7 18.54 -34.77 -3.09
C GLN E 7 19.11 -36.13 -2.68
N SER E 8 18.25 -37.01 -2.18
CA SER E 8 18.71 -38.32 -1.73
C SER E 8 19.35 -39.14 -2.85
N PRO E 9 18.72 -39.33 -4.03
CA PRO E 9 19.40 -40.05 -5.11
C PRO E 9 20.33 -39.12 -5.88
N SER E 10 21.64 -39.33 -5.72
CA SER E 10 22.60 -38.52 -6.46
C SER E 10 22.86 -39.09 -7.85
N SER E 11 22.94 -40.42 -7.96
CA SER E 11 23.13 -41.11 -9.23
C SER E 11 22.14 -42.26 -9.28
N LEU E 12 21.16 -42.16 -10.17
CA LEU E 12 20.10 -43.15 -10.29
C LEU E 12 20.20 -43.85 -11.64
N SER E 13 20.07 -45.18 -11.62
CA SER E 13 20.08 -45.99 -12.82
C SER E 13 18.75 -46.71 -12.95
N ALA E 14 18.15 -46.65 -14.14
CA ALA E 14 16.84 -47.22 -14.36
C ALA E 14 16.72 -47.65 -15.82
N SER E 15 15.60 -48.27 -16.16
CA SER E 15 15.31 -48.74 -17.50
C SER E 15 14.06 -48.04 -18.03
N VAL E 16 13.59 -48.48 -19.19
CA VAL E 16 12.42 -47.90 -19.84
C VAL E 16 11.19 -48.66 -19.37
N GLY E 17 10.21 -47.93 -18.81
CA GLY E 17 8.97 -48.53 -18.38
C GLY E 17 8.89 -48.76 -16.89
N ASP E 18 9.36 -47.80 -16.10
CA ASP E 18 9.33 -47.90 -14.65
C ASP E 18 9.02 -46.53 -14.05
N ARG E 19 8.58 -46.55 -12.79
CA ARG E 19 8.20 -45.34 -12.08
C ARG E 19 9.39 -44.88 -11.24
N VAL E 20 10.07 -43.84 -11.70
CA VAL E 20 11.22 -43.27 -11.00
C VAL E 20 10.77 -42.02 -10.24
N THR E 21 11.10 -41.97 -8.96
CA THR E 21 10.67 -40.88 -8.10
C THR E 21 11.91 -40.20 -7.51
N ILE E 22 12.04 -38.90 -7.75
CA ILE E 22 13.13 -38.11 -7.19
C ILE E 22 12.56 -37.14 -6.18
N THR E 23 13.15 -37.14 -4.98
CA THR E 23 12.66 -36.36 -3.86
C THR E 23 13.45 -35.04 -3.77
N CYS E 24 13.06 -34.16 -2.85
CA CYS E 24 13.74 -32.89 -2.65
C CYS E 24 13.45 -32.39 -1.24
N ARG E 25 14.52 -32.12 -0.47
CA ARG E 25 14.39 -31.73 0.94
C ARG E 25 14.97 -30.33 1.11
N ALA E 26 14.11 -29.36 1.38
CA ALA E 26 14.55 -28.00 1.66
C ALA E 26 14.69 -27.80 3.17
N SER E 27 15.78 -27.15 3.58
CA SER E 27 16.04 -26.96 5.00
C SER E 27 15.29 -25.76 5.56
N GLN E 28 13.99 -25.68 5.30
CA GLN E 28 13.10 -24.66 5.83
C GLN E 28 11.67 -24.96 5.40
N SER E 29 10.69 -24.31 6.04
CA SER E 29 9.28 -24.53 5.75
C SER E 29 8.86 -23.54 4.65
N VAL E 30 9.22 -23.85 3.41
CA VAL E 30 8.83 -23.00 2.29
C VAL E 30 7.45 -23.41 1.79
N SER E 31 6.84 -22.53 0.99
CA SER E 31 5.52 -22.78 0.43
C SER E 31 5.65 -23.70 -0.79
N SER E 32 4.57 -23.81 -1.56
CA SER E 32 4.56 -24.67 -2.74
C SER E 32 5.36 -24.08 -3.89
N ALA E 33 6.06 -22.98 -3.63
CA ALA E 33 6.87 -22.29 -4.64
C ALA E 33 8.16 -23.08 -4.87
N VAL E 34 8.01 -24.20 -5.58
CA VAL E 34 9.14 -25.07 -5.93
C VAL E 34 9.03 -25.43 -7.41
N ALA E 35 10.14 -25.31 -8.13
CA ALA E 35 10.19 -25.61 -9.55
C ALA E 35 11.20 -26.70 -9.82
N TRP E 36 10.90 -27.54 -10.81
CA TRP E 36 11.75 -28.65 -11.21
C TRP E 36 12.26 -28.41 -12.62
N TYR E 37 13.56 -28.56 -12.82
CA TYR E 37 14.21 -28.30 -14.10
C TYR E 37 14.91 -29.55 -14.60
N GLN E 38 14.80 -29.79 -15.90
CA GLN E 38 15.48 -30.89 -16.58
C GLN E 38 16.50 -30.29 -17.54
N GLN E 39 17.77 -30.68 -17.37
CA GLN E 39 18.87 -30.14 -18.16
C GLN E 39 19.62 -31.28 -18.82
N LYS E 40 19.47 -31.41 -20.14
CA LYS E 40 20.26 -32.38 -20.88
C LYS E 40 21.71 -31.94 -20.95
N PRO E 41 22.65 -32.87 -21.07
CA PRO E 41 24.06 -32.49 -21.19
C PRO E 41 24.29 -31.62 -22.43
N GLY E 42 25.12 -30.61 -22.28
CA GLY E 42 25.39 -29.69 -23.37
C GLY E 42 24.19 -28.87 -23.81
N LYS E 43 23.25 -28.63 -22.90
CA LYS E 43 22.05 -27.87 -23.24
C LYS E 43 21.54 -27.14 -22.01
N ALA E 44 20.69 -26.15 -22.24
CA ALA E 44 20.12 -25.37 -21.17
C ALA E 44 18.99 -26.13 -20.47
N PRO E 45 18.77 -25.87 -19.18
CA PRO E 45 17.68 -26.54 -18.47
C PRO E 45 16.32 -26.12 -19.01
N LYS E 46 15.35 -27.02 -18.85
CA LYS E 46 13.98 -26.79 -19.27
C LYS E 46 13.05 -26.97 -18.09
N LEU E 47 12.16 -26.00 -17.88
CA LEU E 47 11.21 -26.07 -16.78
C LEU E 47 10.18 -27.16 -17.02
N LEU E 48 9.84 -27.88 -15.95
CA LEU E 48 8.83 -28.95 -16.01
C LEU E 48 7.60 -28.62 -15.18
N ILE E 49 7.77 -28.27 -13.91
CA ILE E 49 6.66 -27.92 -13.02
C ILE E 49 6.98 -26.58 -12.38
N TYR E 50 6.02 -25.67 -12.41
CA TYR E 50 6.24 -24.30 -11.95
C TYR E 50 5.58 -24.00 -10.61
N SER E 51 4.83 -24.94 -10.04
CA SER E 51 4.21 -24.69 -8.73
C SER E 51 4.26 -25.93 -7.84
N ALA E 52 5.11 -26.90 -8.17
CA ALA E 52 5.28 -28.16 -7.43
C ALA E 52 4.07 -29.07 -7.60
N SER E 53 3.01 -28.56 -8.22
CA SER E 53 1.83 -29.37 -8.51
C SER E 53 1.24 -29.11 -9.89
N SER E 54 1.60 -28.04 -10.58
CA SER E 54 0.99 -27.67 -11.85
C SER E 54 1.96 -27.95 -12.98
N LEU E 55 1.53 -28.75 -13.95
CA LEU E 55 2.39 -29.10 -15.07
C LEU E 55 2.51 -27.94 -16.05
N TYR E 56 3.70 -27.76 -16.59
CA TYR E 56 3.94 -26.70 -17.58
C TYR E 56 3.25 -27.05 -18.90
N SER E 57 3.03 -26.03 -19.72
CA SER E 57 2.39 -26.20 -21.02
C SER E 57 3.43 -26.73 -22.01
N GLY E 58 3.24 -27.96 -22.46
CA GLY E 58 4.15 -28.56 -23.41
C GLY E 58 4.73 -29.88 -22.92
N VAL E 59 5.03 -29.97 -21.64
CA VAL E 59 5.58 -31.18 -21.05
C VAL E 59 4.49 -32.25 -21.01
N PRO E 60 4.84 -33.53 -21.06
CA PRO E 60 3.83 -34.58 -21.00
C PRO E 60 3.18 -34.68 -19.62
N SER E 61 1.96 -35.23 -19.61
CA SER E 61 1.20 -35.37 -18.38
C SER E 61 1.75 -36.44 -17.45
N ARG E 62 2.71 -37.24 -17.91
CA ARG E 62 3.28 -38.28 -17.06
C ARG E 62 4.04 -37.69 -15.87
N PHE E 63 4.68 -36.53 -16.07
CA PHE E 63 5.35 -35.87 -14.96
C PHE E 63 4.32 -35.35 -13.95
N SER E 64 4.64 -35.47 -12.67
CA SER E 64 3.74 -35.01 -11.62
C SER E 64 4.54 -34.71 -10.36
N GLY E 65 3.98 -33.87 -9.50
CA GLY E 65 4.61 -33.51 -8.25
C GLY E 65 3.62 -33.54 -7.10
N SER E 66 4.17 -33.61 -5.90
CA SER E 66 3.36 -33.67 -4.69
C SER E 66 4.13 -33.05 -3.53
N ARG E 67 3.39 -32.66 -2.49
CA ARG E 67 3.97 -32.04 -1.31
C ARG E 67 3.51 -32.79 -0.06
N SER E 68 4.44 -32.94 0.89
CA SER E 68 4.13 -33.52 2.20
C SER E 68 5.02 -32.80 3.21
N GLY E 69 4.47 -31.77 3.86
CA GLY E 69 5.29 -30.89 4.66
C GLY E 69 6.27 -30.15 3.79
N THR E 70 7.56 -30.48 3.88
CA THR E 70 8.56 -30.06 2.89
C THR E 70 9.23 -31.34 2.39
N ASP E 71 8.56 -32.01 1.46
CA ASP E 71 9.04 -33.25 0.84
C ASP E 71 8.74 -33.23 -0.65
N PHE E 72 9.03 -32.11 -1.30
CA PHE E 72 8.76 -31.95 -2.72
C PHE E 72 9.43 -33.05 -3.52
N THR E 73 8.68 -33.63 -4.47
CA THR E 73 9.17 -34.76 -5.24
C THR E 73 8.66 -34.69 -6.66
N LEU E 74 9.37 -35.39 -7.55
CA LEU E 74 9.00 -35.49 -8.96
C LEU E 74 8.82 -36.96 -9.29
N THR E 75 7.66 -37.31 -9.87
CA THR E 75 7.32 -38.68 -10.20
C THR E 75 7.17 -38.80 -11.71
N ILE E 76 7.81 -39.81 -12.29
CA ILE E 76 7.76 -40.07 -13.72
C ILE E 76 7.07 -41.41 -13.94
N SER E 77 5.98 -41.40 -14.69
CA SER E 77 5.21 -42.63 -14.92
C SER E 77 6.00 -43.63 -15.76
N SER E 78 6.58 -43.17 -16.87
CA SER E 78 7.36 -44.03 -17.76
C SER E 78 8.63 -43.29 -18.14
N LEU E 79 9.77 -43.98 -18.07
CA LEU E 79 11.07 -43.36 -18.34
C LEU E 79 11.51 -43.70 -19.75
N GLN E 80 10.97 -42.97 -20.71
CA GLN E 80 11.45 -43.07 -22.08
C GLN E 80 12.86 -42.49 -22.18
N PRO E 81 13.64 -42.87 -23.20
CA PRO E 81 15.02 -42.36 -23.28
C PRO E 81 15.11 -40.86 -23.49
N GLU E 82 14.00 -40.19 -23.80
CA GLU E 82 13.99 -38.76 -24.00
C GLU E 82 14.06 -37.99 -22.68
N ASP E 83 14.12 -38.70 -21.55
CA ASP E 83 14.13 -38.05 -20.25
C ASP E 83 15.29 -38.51 -19.38
N PHE E 84 16.49 -38.55 -19.93
CA PHE E 84 17.70 -38.82 -19.16
C PHE E 84 18.50 -37.54 -19.03
N ALA E 85 18.47 -36.94 -17.84
CA ALA E 85 19.12 -35.66 -17.59
C ALA E 85 19.27 -35.45 -16.09
N THR E 86 20.07 -34.45 -15.73
CA THR E 86 20.29 -34.12 -14.33
C THR E 86 19.20 -33.19 -13.81
N TYR E 87 18.16 -33.76 -13.19
CA TYR E 87 17.07 -32.95 -12.68
C TYR E 87 17.52 -32.12 -11.49
N TYR E 88 16.95 -30.92 -11.36
CA TYR E 88 17.31 -30.01 -10.29
C TYR E 88 16.05 -29.66 -9.49
N CYS E 89 16.21 -28.85 -8.46
CA CYS E 89 15.11 -28.48 -7.56
C CYS E 89 15.39 -27.08 -7.04
N GLN E 90 14.37 -26.23 -7.09
CA GLN E 90 14.54 -24.81 -6.82
C GLN E 90 13.47 -24.33 -5.84
N GLN E 91 13.79 -23.27 -5.12
CA GLN E 91 12.85 -22.50 -4.31
C GLN E 91 12.95 -21.05 -4.77
N TYR E 92 11.86 -20.53 -5.34
CA TYR E 92 11.82 -19.14 -5.77
C TYR E 92 11.04 -18.25 -4.81
N LYS E 93 10.85 -18.70 -3.58
CA LYS E 93 10.13 -17.95 -2.57
C LYS E 93 10.98 -16.87 -1.91
N TYR E 94 12.29 -16.88 -2.13
CA TYR E 94 13.18 -15.90 -1.51
C TYR E 94 14.20 -15.44 -2.55
N VAL E 95 14.84 -14.30 -2.26
CA VAL E 95 15.84 -13.75 -3.18
C VAL E 95 16.98 -14.72 -3.43
N PRO E 96 17.62 -15.34 -2.42
CA PRO E 96 18.69 -16.30 -2.71
C PRO E 96 18.14 -17.63 -3.20
N VAL E 97 17.72 -17.68 -4.46
CA VAL E 97 17.20 -18.93 -5.02
C VAL E 97 18.35 -19.92 -5.15
N THR E 98 18.13 -21.14 -4.67
CA THR E 98 19.15 -22.17 -4.66
C THR E 98 18.67 -23.39 -5.44
N PHE E 99 19.57 -23.98 -6.21
CA PHE E 99 19.29 -25.18 -6.98
C PHE E 99 19.85 -26.40 -6.25
N GLY E 100 19.20 -27.54 -6.46
CA GLY E 100 19.64 -28.76 -5.82
C GLY E 100 20.96 -29.27 -6.36
N GLN E 101 21.52 -30.24 -5.63
CA GLN E 101 22.80 -30.82 -6.04
C GLN E 101 22.70 -31.55 -7.37
N GLY E 102 21.50 -31.92 -7.80
CA GLY E 102 21.31 -32.59 -9.06
C GLY E 102 21.21 -34.10 -8.94
N THR E 103 20.21 -34.67 -9.59
CA THR E 103 19.99 -36.12 -9.59
C THR E 103 20.30 -36.65 -10.98
N LYS E 104 21.32 -37.48 -11.07
CA LYS E 104 21.73 -38.09 -12.34
C LYS E 104 20.87 -39.34 -12.57
N VAL E 105 20.15 -39.36 -13.69
CA VAL E 105 19.29 -40.46 -14.06
C VAL E 105 19.93 -41.20 -15.22
N GLU E 106 20.15 -42.50 -15.04
CA GLU E 106 20.82 -43.30 -16.06
C GLU E 106 20.30 -44.73 -16.06
N VAL E 126 9.81 -17.08 -29.32
CA VAL E 126 10.59 -16.39 -28.31
C VAL E 126 11.92 -17.10 -28.09
N GLN E 127 13.01 -16.46 -28.52
CA GLN E 127 14.34 -17.01 -28.40
C GLN E 127 15.27 -15.96 -27.80
N LEU E 128 16.12 -16.39 -26.88
CA LEU E 128 17.10 -15.54 -26.23
C LEU E 128 18.48 -15.88 -26.77
N VAL E 129 19.18 -14.88 -27.31
CA VAL E 129 20.52 -15.05 -27.86
C VAL E 129 21.49 -14.30 -26.97
N GLU E 130 22.57 -14.99 -26.57
CA GLU E 130 23.60 -14.41 -25.73
C GLU E 130 24.94 -14.47 -26.45
N SER E 131 25.70 -13.38 -26.34
CA SER E 131 26.99 -13.28 -27.01
C SER E 131 28.02 -12.73 -26.03
N GLY E 132 29.25 -13.21 -26.16
CA GLY E 132 30.36 -12.80 -25.33
C GLY E 132 31.11 -14.01 -24.80
N GLY E 133 31.93 -13.77 -23.79
CA GLY E 133 32.70 -14.84 -23.19
C GLY E 133 34.04 -15.07 -23.84
N GLY E 134 35.08 -15.25 -23.03
CA GLY E 134 36.42 -15.49 -23.56
C GLY E 134 37.40 -15.70 -22.43
N LEU E 135 38.60 -16.12 -22.81
CA LEU E 135 39.66 -16.37 -21.84
C LEU E 135 40.14 -15.08 -21.22
N VAL E 136 39.77 -14.86 -19.96
CA VAL E 136 40.16 -13.66 -19.22
C VAL E 136 40.76 -14.06 -17.88
N GLN E 137 42.06 -13.82 -17.71
CA GLN E 137 42.74 -14.12 -16.46
C GLN E 137 42.23 -13.20 -15.36
N PRO E 138 42.36 -13.57 -14.07
CA PRO E 138 41.79 -12.74 -13.01
C PRO E 138 42.33 -11.33 -12.97
N GLY E 139 41.48 -10.38 -12.58
CA GLY E 139 41.84 -8.98 -12.60
C GLY E 139 41.27 -8.25 -13.81
N GLY E 140 40.72 -9.00 -14.76
CA GLY E 140 40.11 -8.41 -15.93
C GLY E 140 38.63 -8.15 -15.74
N SER E 141 37.99 -7.71 -16.83
CA SER E 141 36.57 -7.45 -16.86
C SER E 141 36.00 -7.97 -18.16
N LEU E 142 34.81 -8.56 -18.11
CA LEU E 142 34.17 -9.13 -19.28
C LEU E 142 32.71 -8.68 -19.31
N ARG E 143 32.21 -8.43 -20.52
CA ARG E 143 30.85 -7.95 -20.71
C ARG E 143 30.05 -8.99 -21.48
N LEU E 144 28.91 -9.40 -20.93
CA LEU E 144 28.04 -10.40 -21.53
C LEU E 144 26.71 -9.76 -21.92
N SER E 145 26.23 -10.11 -23.11
CA SER E 145 24.96 -9.60 -23.62
C SER E 145 23.92 -10.72 -23.66
N CYS E 146 22.66 -10.32 -23.47
CA CYS E 146 21.52 -11.25 -23.54
C CYS E 146 20.47 -10.62 -24.45
N ALA E 147 20.60 -10.87 -25.75
CA ALA E 147 19.62 -10.38 -26.71
C ALA E 147 18.36 -11.23 -26.64
N ALA E 148 17.20 -10.58 -26.61
CA ALA E 148 15.93 -11.27 -26.45
C ALA E 148 14.92 -10.75 -27.46
N SER E 149 13.98 -11.60 -27.82
CA SER E 149 12.92 -11.24 -28.75
C SER E 149 11.67 -12.04 -28.43
N GLY E 150 10.52 -11.51 -28.85
CA GLY E 150 9.24 -12.15 -28.62
C GLY E 150 8.55 -11.76 -27.33
N PHE E 151 9.21 -10.99 -26.47
CA PHE E 151 8.61 -10.55 -25.22
C PHE E 151 9.19 -9.19 -24.83
N ASN E 152 8.50 -8.51 -23.93
CA ASN E 152 8.85 -7.17 -23.51
C ASN E 152 9.59 -7.21 -22.18
N VAL E 153 10.47 -6.22 -21.99
CA VAL E 153 11.29 -6.16 -20.77
C VAL E 153 10.43 -5.84 -19.56
N TYR E 154 9.45 -4.96 -19.72
CA TYR E 154 8.64 -4.55 -18.58
C TYR E 154 7.70 -5.66 -18.12
N SER E 155 7.36 -6.59 -19.00
CA SER E 155 6.43 -7.67 -18.69
C SER E 155 7.16 -8.97 -18.35
N SER E 156 8.47 -8.92 -18.13
CA SER E 156 9.23 -10.12 -17.82
C SER E 156 10.39 -9.76 -16.90
N SER E 157 10.92 -10.77 -16.22
CA SER E 157 12.06 -10.62 -15.32
C SER E 157 13.21 -11.43 -15.87
N ILE E 158 14.39 -10.81 -15.96
CA ILE E 158 15.58 -11.44 -16.52
C ILE E 158 16.45 -11.95 -15.39
N HIS E 159 16.83 -13.22 -15.46
CA HIS E 159 17.66 -13.86 -14.46
C HIS E 159 18.89 -14.47 -15.13
N TRP E 160 20.04 -14.31 -14.48
CA TRP E 160 21.31 -14.86 -14.97
C TRP E 160 21.74 -15.97 -14.04
N VAL E 161 21.98 -17.16 -14.60
CA VAL E 161 22.36 -18.34 -13.83
C VAL E 161 23.63 -18.94 -14.44
N ARG E 162 24.60 -19.25 -13.59
CA ARG E 162 25.84 -19.86 -14.02
C ARG E 162 25.91 -21.30 -13.55
N GLN E 163 26.64 -22.13 -14.29
CA GLN E 163 26.78 -23.55 -13.99
C GLN E 163 28.26 -23.92 -14.14
N ALA E 164 28.90 -24.26 -13.03
CA ALA E 164 30.29 -24.67 -13.07
C ALA E 164 30.41 -26.02 -13.78
N PRO E 165 31.55 -26.30 -14.42
CA PRO E 165 31.72 -27.59 -15.10
C PRO E 165 31.61 -28.77 -14.16
N GLY E 166 30.58 -29.59 -14.35
CA GLY E 166 30.34 -30.73 -13.49
C GLY E 166 29.56 -30.45 -12.23
N LYS E 167 29.34 -29.19 -11.89
CA LYS E 167 28.60 -28.83 -10.69
C LYS E 167 27.16 -28.49 -11.06
N GLY E 168 26.38 -28.01 -10.09
CA GLY E 168 25.00 -27.64 -10.32
C GLY E 168 24.84 -26.16 -10.68
N LEU E 169 23.60 -25.80 -11.00
CA LEU E 169 23.29 -24.42 -11.36
C LEU E 169 23.40 -23.51 -10.14
N GLU E 170 23.98 -22.33 -10.35
CA GLU E 170 24.12 -21.33 -9.30
C GLU E 170 23.55 -20.00 -9.80
N TRP E 171 22.70 -19.38 -8.98
CA TRP E 171 22.10 -18.11 -9.34
C TRP E 171 23.12 -16.98 -9.16
N VAL E 172 23.14 -16.05 -10.11
CA VAL E 172 24.10 -14.96 -10.14
C VAL E 172 23.42 -13.62 -9.88
N ALA E 173 22.50 -13.22 -10.77
CA ALA E 173 21.87 -11.91 -10.66
C ALA E 173 20.49 -11.97 -11.31
N SER E 174 19.66 -10.99 -10.96
CA SER E 174 18.32 -10.88 -11.50
C SER E 174 17.91 -9.42 -11.54
N ILE E 175 17.12 -9.05 -12.53
CA ILE E 175 16.65 -7.68 -12.71
C ILE E 175 15.16 -7.69 -12.98
N SER E 176 14.45 -6.72 -12.41
CA SER E 176 13.02 -6.53 -12.64
C SER E 176 12.80 -5.08 -13.07
N SER E 177 12.55 -4.88 -14.37
CA SER E 177 12.44 -3.53 -14.90
C SER E 177 11.15 -2.85 -14.52
N TYR E 178 10.08 -3.60 -14.24
CA TYR E 178 8.81 -2.97 -13.88
C TYR E 178 8.91 -2.20 -12.58
N TYR E 179 9.54 -2.79 -11.56
CA TYR E 179 9.74 -2.13 -10.28
C TYR E 179 11.13 -1.52 -10.13
N GLY E 180 12.00 -1.68 -11.12
CA GLY E 180 13.34 -1.14 -11.03
C GLY E 180 14.16 -1.72 -9.91
N TYR E 181 14.10 -3.04 -9.72
CA TYR E 181 14.80 -3.73 -8.66
C TYR E 181 15.86 -4.66 -9.24
N THR E 182 17.03 -4.69 -8.60
CA THR E 182 18.13 -5.55 -9.00
C THR E 182 18.58 -6.39 -7.82
N TYR E 183 18.80 -7.68 -8.06
CA TYR E 183 19.24 -8.61 -7.04
C TYR E 183 20.52 -9.30 -7.49
N TYR E 184 21.44 -9.51 -6.55
CA TYR E 184 22.71 -10.17 -6.83
C TYR E 184 22.99 -11.21 -5.75
N ALA E 185 23.74 -12.23 -6.13
CA ALA E 185 24.15 -13.25 -5.18
C ALA E 185 25.14 -12.69 -4.18
N ASP E 186 25.18 -13.28 -2.99
CA ASP E 186 26.06 -12.80 -1.93
C ASP E 186 27.53 -12.97 -2.27
N SER E 187 27.87 -13.87 -3.19
CA SER E 187 29.25 -14.10 -3.59
C SER E 187 29.70 -13.22 -4.75
N VAL E 188 28.79 -12.48 -5.37
CA VAL E 188 29.13 -11.63 -6.51
C VAL E 188 28.64 -10.22 -6.25
N LYS E 189 28.33 -9.91 -4.99
CA LYS E 189 27.86 -8.57 -4.65
C LYS E 189 28.95 -7.53 -4.89
N GLY E 190 28.57 -6.42 -5.51
CA GLY E 190 29.52 -5.36 -5.82
C GLY E 190 30.33 -5.62 -7.07
N ARG E 191 30.87 -6.83 -7.18
CA ARG E 191 31.67 -7.18 -8.36
C ARG E 191 30.82 -7.27 -9.63
N PHE E 192 29.59 -7.77 -9.50
CA PHE E 192 28.73 -8.00 -10.66
C PHE E 192 27.62 -6.96 -10.70
N THR E 193 27.41 -6.40 -11.89
CA THR E 193 26.35 -5.42 -12.12
C THR E 193 25.58 -5.82 -13.37
N ILE E 194 24.24 -5.76 -13.29
CA ILE E 194 23.37 -6.15 -14.38
C ILE E 194 22.57 -4.94 -14.83
N SER E 195 22.45 -4.76 -16.14
CA SER E 195 21.69 -3.67 -16.71
C SER E 195 20.92 -4.16 -17.91
N ALA E 196 19.76 -3.55 -18.17
CA ALA E 196 18.92 -3.92 -19.29
C ALA E 196 18.35 -2.67 -19.93
N ASP E 197 18.36 -2.62 -21.26
CA ASP E 197 17.79 -1.51 -22.00
C ASP E 197 16.46 -1.92 -22.64
N THR E 198 15.48 -1.01 -22.59
CA THR E 198 14.15 -1.32 -23.11
C THR E 198 14.05 -1.08 -24.60
N SER E 199 14.91 -0.22 -25.16
CA SER E 199 14.81 0.11 -26.57
C SER E 199 15.14 -1.10 -27.45
N LYS E 200 16.26 -1.76 -27.17
CA LYS E 200 16.70 -2.89 -27.98
C LYS E 200 16.31 -4.24 -27.37
N ASN E 201 15.71 -4.26 -26.19
CA ASN E 201 15.28 -5.48 -25.51
C ASN E 201 16.48 -6.43 -25.32
N THR E 202 17.47 -5.92 -24.59
CA THR E 202 18.69 -6.67 -24.33
C THR E 202 19.07 -6.51 -22.86
N ALA E 203 19.61 -7.57 -22.29
CA ALA E 203 20.10 -7.57 -20.91
C ALA E 203 21.62 -7.68 -20.92
N TYR E 204 22.27 -6.82 -20.15
CA TYR E 204 23.72 -6.71 -20.12
C TYR E 204 24.23 -6.99 -18.72
N LEU E 205 25.31 -7.76 -18.62
CA LEU E 205 25.91 -8.14 -17.35
C LEU E 205 27.34 -7.63 -17.31
N GLN E 206 27.69 -6.92 -16.25
CA GLN E 206 29.02 -6.39 -16.03
C GLN E 206 29.64 -7.04 -14.80
N MET E 207 30.82 -7.62 -14.96
CA MET E 207 31.57 -8.22 -13.86
C MET E 207 32.92 -7.55 -13.73
N ASN E 208 33.34 -7.31 -12.49
CA ASN E 208 34.60 -6.65 -12.19
C ASN E 208 35.39 -7.48 -11.19
N SER E 209 36.71 -7.51 -11.37
CA SER E 209 37.63 -8.27 -10.51
C SER E 209 37.22 -9.74 -10.45
N LEU E 210 37.25 -10.39 -11.61
CA LEU E 210 36.90 -11.80 -11.71
C LEU E 210 37.95 -12.64 -10.99
N ARG E 211 37.49 -13.62 -10.20
CA ARG E 211 38.38 -14.55 -9.55
C ARG E 211 38.51 -15.83 -10.38
N ALA E 212 39.36 -16.75 -9.93
CA ALA E 212 39.59 -17.99 -10.64
C ALA E 212 38.44 -18.99 -10.50
N GLU E 213 37.49 -18.73 -9.59
CA GLU E 213 36.37 -19.62 -9.36
C GLU E 213 35.15 -19.29 -10.22
N ASP E 214 35.27 -18.32 -11.12
CA ASP E 214 34.15 -17.89 -11.96
C ASP E 214 34.03 -18.69 -13.25
N THR E 215 34.86 -19.72 -13.44
CA THR E 215 34.77 -20.55 -14.64
C THR E 215 33.47 -21.32 -14.61
N ALA E 216 32.50 -20.90 -15.41
CA ALA E 216 31.20 -21.53 -15.43
C ALA E 216 30.47 -21.15 -16.72
N VAL E 217 29.50 -21.96 -17.10
CA VAL E 217 28.65 -21.64 -18.24
C VAL E 217 27.53 -20.72 -17.77
N TYR E 218 27.42 -19.56 -18.41
CA TYR E 218 26.48 -18.53 -18.01
C TYR E 218 25.23 -18.60 -18.87
N TYR E 219 24.07 -18.69 -18.21
CA TYR E 219 22.79 -18.74 -18.89
C TYR E 219 21.96 -17.52 -18.50
N CYS E 220 21.29 -16.93 -19.48
CA CYS E 220 20.38 -15.81 -19.28
C CYS E 220 18.96 -16.33 -19.47
N ALA E 221 18.21 -16.42 -18.38
CA ALA E 221 16.87 -16.97 -18.39
C ALA E 221 15.85 -15.91 -18.02
N ARG E 222 14.70 -15.95 -18.70
CA ARG E 222 13.60 -15.01 -18.45
C ARG E 222 12.56 -15.65 -17.55
N SER E 223 11.70 -14.80 -17.00
CA SER E 223 10.58 -15.25 -16.18
C SER E 223 9.48 -14.22 -16.25
N ARG E 224 8.26 -14.65 -15.92
CA ARG E 224 7.13 -13.74 -15.89
C ARG E 224 7.31 -12.73 -14.76
N GLN E 225 7.33 -11.45 -15.12
CA GLN E 225 7.51 -10.39 -14.11
C GLN E 225 6.36 -10.39 -13.11
N PHE E 226 5.13 -10.57 -13.60
CA PHE E 226 3.95 -10.57 -12.77
C PHE E 226 3.61 -12.00 -12.38
N TRP E 227 3.58 -12.27 -11.07
CA TRP E 227 3.30 -13.60 -10.52
C TRP E 227 4.31 -14.62 -11.05
N TYR E 228 5.55 -14.43 -10.61
CA TYR E 228 6.69 -15.30 -10.93
C TYR E 228 6.29 -16.76 -10.87
N SER E 229 6.49 -17.46 -11.99
CA SER E 229 6.14 -18.87 -12.12
C SER E 229 7.27 -19.66 -12.77
N GLY E 230 8.50 -19.44 -12.29
CA GLY E 230 9.64 -20.17 -12.78
C GLY E 230 10.26 -19.54 -14.02
N LEU E 231 11.43 -20.07 -14.38
CA LEU E 231 12.19 -19.59 -15.53
C LEU E 231 11.76 -20.38 -16.75
N ASP E 232 10.93 -19.76 -17.60
CA ASP E 232 10.32 -20.48 -18.72
C ASP E 232 11.35 -20.76 -19.81
N TYR E 233 12.14 -19.75 -20.19
CA TYR E 233 13.05 -19.85 -21.33
C TYR E 233 14.48 -19.59 -20.89
N TRP E 234 15.42 -20.23 -21.57
CA TRP E 234 16.84 -20.15 -21.26
C TRP E 234 17.64 -19.82 -22.51
N GLY E 235 18.96 -19.77 -22.35
CA GLY E 235 19.90 -19.51 -23.43
C GLY E 235 20.46 -20.80 -24.01
N GLN E 236 21.71 -20.72 -24.48
CA GLN E 236 22.36 -21.89 -25.06
C GLN E 236 23.76 -22.11 -24.48
N GLY E 237 24.41 -21.05 -24.04
CA GLY E 237 25.74 -21.19 -23.46
C GLY E 237 26.74 -20.12 -23.87
N THR E 238 27.42 -19.55 -22.89
CA THR E 238 28.43 -18.50 -23.06
C THR E 238 29.68 -18.82 -22.25
N LEU E 239 30.18 -20.04 -22.40
CA LEU E 239 31.29 -20.59 -21.62
C LEU E 239 32.41 -19.57 -21.43
N VAL E 240 32.75 -19.33 -20.17
CA VAL E 240 33.78 -18.36 -19.79
C VAL E 240 34.88 -19.11 -19.04
N THR E 241 36.11 -18.93 -19.49
CA THR E 241 37.28 -19.54 -18.85
C THR E 241 38.15 -18.45 -18.25
N VAL E 242 38.46 -18.58 -16.97
CA VAL E 242 39.31 -17.62 -16.28
C VAL E 242 40.52 -18.33 -15.67
#